data_7NEG
#
_entry.id   7NEG
#
_cell.length_a   195.099
_cell.length_b   84.950
_cell.length_c   57.936
_cell.angle_alpha   90.000
_cell.angle_beta   100.634
_cell.angle_gamma   90.000
#
_symmetry.space_group_name_H-M   'C 1 2 1'
#
loop_
_entity.id
_entity.type
_entity.pdbx_description
1 polymer 'Antibody COVOX-269 Fab heavy chain'
2 polymer 'Antibody COVOX-269 Fab light chain'
3 polymer 'Surface glycoprotein'
4 branched 2-acetamido-2-deoxy-beta-D-glucopyranose-(1-4)-[alpha-L-fucopyranose-(1-6)]2-acetamido-2-deoxy-beta-D-glucopyranose
5 non-polymer GLYCEROL
6 non-polymer 'SULFATE ION'
7 water water
#
loop_
_entity_poly.entity_id
_entity_poly.type
_entity_poly.pdbx_seq_one_letter_code
_entity_poly.pdbx_strand_id
1 'polypeptide(L)'
;QVQLVESGGGLIQPGGSLRLSCAASGLTVNRNYMSWIRQAPGKGLEWVSVIYSGGSTFYADSVKGRFTISRDNSKNTLSL
QMNSLRAEDTAIYYCARDFYEGSFDIWGQGTMVTVSSASTKGPSVFPLAPSSKSTSGGTAALGCLVKDYFPEPVTVSWNS
GALTSGVHTFPAVLQSSGLYSLSSVVTVPSSSLGTQTYICNVNHKPSNTKVDKKVEPKSCDK
;
H
2 'polypeptide(L)'
;AIQLTQSPSFLSASIGDRVTITCRASQGISSYLAWYQQKPGKAPKLLIYAASTLQSGVPSRFSGSGSGTEFTLTISSLQP
EDFASYYCQQLNSYPAPVFGPGTKVDIKRTVAAPSVFIFPPSDEQLKSGTASVVCLLNNFYPREAKVQWKVDNALQSGNS
QESVTEQDSKDSTYSLSSTLTLSKADYEKHKVYACEVTHQGLSSPVTKSFNRGEC
;
L
3 'polypeptide(L)'
;MGCVAETGHHHHHHTNLCPFGEVFNATRFASVYAWNRKRISNCVADYSVLYNSASFSTFKCYGVSPTKLNDLCFTNVYAD
SFVIRGDEVRQIAPGQTGKIADYNYKLPDDFTGCVIAWNSNNLDSKVGGNYNYLYRLFRKSNLKPFERDISTEIYQAGST
PCNGVEGFNCYFPLQSYGFQPTYGVGYQPYRVVVLSFELLHAPATVCGKK
;
E
#
loop_
_chem_comp.id
_chem_comp.type
_chem_comp.name
_chem_comp.formula
FUC L-saccharide, alpha linking alpha-L-fucopyranose 'C6 H12 O5'
GOL non-polymer GLYCEROL 'C3 H8 O3'
NAG D-saccharide, beta linking 2-acetamido-2-deoxy-beta-D-glucopyranose 'C8 H15 N O6'
SO4 non-polymer 'SULFATE ION' 'O4 S -2'
#
# COMPACT_ATOMS: atom_id res chain seq x y z
N GLN A 1 -2.59 16.80 19.54
CA GLN A 1 -2.70 15.79 20.59
C GLN A 1 -2.40 14.39 20.05
N VAL A 2 -3.39 13.78 19.38
CA VAL A 2 -3.24 12.40 18.92
C VAL A 2 -2.23 12.32 17.79
N GLN A 3 -1.24 11.46 17.94
CA GLN A 3 -0.19 11.32 16.93
C GLN A 3 0.60 10.04 17.18
N LEU A 4 1.23 9.55 16.11
CA LEU A 4 2.20 8.48 16.16
C LEU A 4 3.50 9.00 15.56
N VAL A 5 4.62 8.79 16.27
CA VAL A 5 5.93 9.27 15.83
C VAL A 5 6.83 8.07 15.60
N GLU A 6 7.26 7.88 14.35
CA GLU A 6 8.22 6.82 14.04
C GLU A 6 9.65 7.28 14.28
N SER A 7 10.51 6.28 14.43
CA SER A 7 11.96 6.46 14.49
C SER A 7 12.59 5.11 14.18
N GLY A 8 13.90 5.13 13.94
CA GLY A 8 14.66 3.91 13.72
C GLY A 8 14.97 3.61 12.27
N GLY A 9 14.39 4.34 11.32
CA GLY A 9 14.74 4.12 9.93
C GLY A 9 16.16 4.56 9.64
N GLY A 10 16.74 3.95 8.61
CA GLY A 10 18.08 4.32 8.21
C GLY A 10 18.61 3.41 7.11
N LEU A 11 19.92 3.46 6.92
CA LEU A 11 20.61 2.72 5.89
C LEU A 11 21.18 1.43 6.46
N ILE A 12 21.00 0.32 5.73
CA ILE A 12 21.42 -1.00 6.20
C ILE A 12 21.75 -1.83 4.97
N GLN A 13 22.76 -2.70 5.11
CA GLN A 13 23.14 -3.59 4.03
C GLN A 13 22.26 -4.83 4.00
N PRO A 14 22.17 -5.51 2.85
CA PRO A 14 21.30 -6.69 2.77
C PRO A 14 21.75 -7.77 3.74
N GLY A 15 20.76 -8.45 4.34
CA GLY A 15 21.01 -9.39 5.39
C GLY A 15 21.17 -8.80 6.77
N GLY A 16 21.20 -7.48 6.90
CA GLY A 16 21.33 -6.84 8.18
C GLY A 16 19.99 -6.70 8.87
N SER A 17 20.01 -6.05 10.03
CA SER A 17 18.82 -5.88 10.84
C SER A 17 18.63 -4.42 11.19
N LEU A 18 17.36 -4.05 11.37
CA LEU A 18 16.93 -2.71 11.75
C LEU A 18 15.72 -2.84 12.64
N ARG A 19 15.52 -1.87 13.54
CA ARG A 19 14.39 -1.89 14.45
C ARG A 19 13.66 -0.55 14.39
N LEU A 20 12.37 -0.59 14.03
CA LEU A 20 11.53 0.60 13.98
C LEU A 20 10.73 0.73 15.26
N SER A 21 10.43 1.96 15.63
CA SER A 21 9.66 2.26 16.84
C SER A 21 8.58 3.27 16.51
N CYS A 22 7.45 3.15 17.19
CA CYS A 22 6.28 4.01 16.96
C CYS A 22 5.81 4.49 18.33
N ALA A 23 6.17 5.72 18.70
CA ALA A 23 5.81 6.28 20.00
C ALA A 23 4.44 6.94 19.88
N ALA A 24 3.46 6.38 20.58
CA ALA A 24 2.07 6.80 20.48
C ALA A 24 1.71 7.75 21.61
N SER A 25 0.81 8.68 21.30
CA SER A 25 0.19 9.53 22.31
C SER A 25 -1.21 9.89 21.83
N GLY A 26 -2.17 9.85 22.73
CA GLY A 26 -3.56 10.02 22.38
C GLY A 26 -4.29 8.74 22.02
N LEU A 27 -3.60 7.60 22.04
CA LEU A 27 -4.20 6.29 21.89
C LEU A 27 -3.27 5.29 22.56
N THR A 28 -3.83 4.16 23.00
CA THR A 28 -3.09 3.17 23.77
C THR A 28 -2.77 1.97 22.87
N VAL A 29 -1.48 1.76 22.61
CA VAL A 29 -1.06 0.75 21.63
C VAL A 29 -1.68 -0.61 21.92
N ASN A 30 -1.59 -1.07 23.17
CA ASN A 30 -2.02 -2.43 23.47
C ASN A 30 -3.53 -2.58 23.58
N ARG A 31 -4.29 -1.49 23.42
CA ARG A 31 -5.74 -1.56 23.34
C ARG A 31 -6.25 -1.48 21.91
N ASN A 32 -5.37 -1.60 20.92
CA ASN A 32 -5.74 -1.30 19.55
C ASN A 32 -5.18 -2.34 18.60
N TYR A 33 -5.86 -2.49 17.47
CA TYR A 33 -5.25 -3.07 16.27
C TYR A 33 -4.19 -2.10 15.77
N MET A 34 -2.92 -2.47 15.90
CA MET A 34 -1.81 -1.64 15.45
C MET A 34 -1.09 -2.32 14.29
N SER A 35 -0.83 -1.56 13.23
CA SER A 35 -0.32 -2.10 11.99
C SER A 35 0.92 -1.36 11.51
N TRP A 36 1.72 -2.04 10.70
CA TRP A 36 2.81 -1.43 9.95
C TRP A 36 2.49 -1.54 8.46
N ILE A 37 2.63 -0.43 7.74
CA ILE A 37 2.38 -0.37 6.31
C ILE A 37 3.56 0.32 5.65
N ARG A 38 3.99 -0.23 4.51
CA ARG A 38 5.15 0.33 3.83
C ARG A 38 4.79 0.71 2.40
N GLN A 39 5.61 1.61 1.86
CA GLN A 39 5.44 2.13 0.50
C GLN A 39 6.83 2.28 -0.10
N ALA A 40 7.11 1.51 -1.14
CA ALA A 40 8.37 1.66 -1.85
C ALA A 40 8.34 2.97 -2.66
N PRO A 41 9.51 3.54 -2.96
CA PRO A 41 9.55 4.78 -3.75
C PRO A 41 8.78 4.67 -5.05
N GLY A 42 7.69 5.43 -5.18
CA GLY A 42 6.89 5.45 -6.39
C GLY A 42 5.84 4.36 -6.49
N LYS A 43 5.81 3.42 -5.55
CA LYS A 43 4.90 2.29 -5.59
C LYS A 43 3.71 2.57 -4.66
N GLY A 44 2.84 1.58 -4.50
CA GLY A 44 1.66 1.71 -3.68
C GLY A 44 1.91 1.34 -2.24
N LEU A 45 0.82 1.22 -1.48
CA LEU A 45 0.86 0.82 -0.09
C LEU A 45 0.86 -0.69 0.02
N GLU A 46 1.69 -1.23 0.92
CA GLU A 46 1.72 -2.65 1.21
C GLU A 46 1.66 -2.87 2.72
N TRP A 47 0.61 -3.55 3.17
CA TRP A 47 0.50 -3.91 4.56
C TRP A 47 1.58 -4.92 4.94
N VAL A 48 2.12 -4.76 6.14
CA VAL A 48 3.29 -5.54 6.59
C VAL A 48 2.93 -6.48 7.74
N SER A 49 2.36 -5.94 8.81
CA SER A 49 2.12 -6.73 10.01
C SER A 49 1.11 -6.01 10.88
N VAL A 50 0.39 -6.79 11.70
CA VAL A 50 -0.56 -6.25 12.67
C VAL A 50 -0.36 -6.98 13.99
N ILE A 51 -0.65 -6.29 15.09
CA ILE A 51 -0.74 -6.91 16.41
C ILE A 51 -2.08 -6.54 17.03
N TYR A 52 -2.84 -7.54 17.47
CA TYR A 52 -4.13 -7.32 18.09
C TYR A 52 -3.94 -6.85 19.53
N SER A 53 -4.97 -6.19 20.07
CA SER A 53 -4.97 -5.88 21.49
C SER A 53 -4.78 -7.13 22.33
N GLY A 54 -5.29 -8.27 21.86
CA GLY A 54 -5.15 -9.53 22.56
C GLY A 54 -3.80 -10.19 22.47
N GLY A 55 -2.92 -9.70 21.59
CA GLY A 55 -1.57 -10.21 21.47
C GLY A 55 -1.28 -10.96 20.17
N SER A 56 -2.31 -11.34 19.43
CA SER A 56 -2.10 -12.10 18.19
C SER A 56 -1.37 -11.24 17.17
N THR A 57 -0.48 -11.89 16.41
CA THR A 57 0.32 -11.21 15.39
C THR A 57 0.16 -11.91 14.05
N PHE A 58 0.12 -11.12 12.98
CA PHE A 58 0.05 -11.65 11.63
C PHE A 58 0.99 -10.84 10.74
N TYR A 59 1.43 -11.46 9.64
CA TYR A 59 2.47 -10.91 8.78
C TYR A 59 2.16 -11.21 7.32
N ALA A 60 2.47 -10.24 6.46
CA ALA A 60 2.44 -10.48 5.03
C ALA A 60 3.48 -11.53 4.67
N ASP A 61 3.18 -12.30 3.61
CA ASP A 61 4.06 -13.41 3.25
C ASP A 61 5.44 -12.92 2.86
N SER A 62 5.55 -11.71 2.33
CA SER A 62 6.85 -11.22 1.87
C SER A 62 7.78 -10.83 3.02
N VAL A 63 7.31 -10.91 4.27
CA VAL A 63 8.15 -10.58 5.42
C VAL A 63 8.10 -11.66 6.50
N LYS A 64 7.33 -12.74 6.29
CA LYS A 64 7.13 -13.74 7.33
C LYS A 64 8.43 -14.44 7.66
N GLY A 65 8.67 -14.64 8.97
CA GLY A 65 9.90 -15.24 9.43
C GLY A 65 11.08 -14.29 9.45
N ARG A 66 10.96 -13.09 8.90
CA ARG A 66 12.00 -12.08 8.95
C ARG A 66 11.64 -10.92 9.85
N PHE A 67 10.38 -10.47 9.81
CA PHE A 67 9.93 -9.34 10.60
C PHE A 67 9.18 -9.84 11.83
N THR A 68 9.32 -9.10 12.93
CA THR A 68 8.61 -9.38 14.17
C THR A 68 8.04 -8.07 14.71
N ILE A 69 6.72 -8.03 14.88
CA ILE A 69 6.03 -6.90 15.50
C ILE A 69 5.94 -7.15 16.99
N SER A 70 5.92 -6.07 17.77
CA SER A 70 5.80 -6.16 19.22
C SER A 70 5.41 -4.79 19.75
N ARG A 71 5.30 -4.69 21.08
CA ARG A 71 4.91 -3.43 21.69
C ARG A 71 5.47 -3.37 23.11
N ASP A 72 5.63 -2.15 23.60
CA ASP A 72 6.08 -1.88 24.97
C ASP A 72 4.99 -1.07 25.66
N ASN A 73 4.25 -1.72 26.56
CA ASN A 73 3.11 -1.06 27.17
C ASN A 73 3.53 0.05 28.11
N SER A 74 4.70 -0.07 28.74
CA SER A 74 5.15 0.95 29.68
C SER A 74 5.52 2.25 28.97
N LYS A 75 5.97 2.18 27.71
CA LYS A 75 6.32 3.35 26.94
C LYS A 75 5.28 3.69 25.87
N ASN A 76 4.17 2.95 25.83
CA ASN A 76 3.12 3.15 24.84
C ASN A 76 3.70 3.27 23.44
N THR A 77 4.52 2.28 23.06
CA THR A 77 5.19 2.28 21.76
C THR A 77 4.93 0.98 21.03
N LEU A 78 4.97 1.06 19.71
CA LEU A 78 4.88 -0.07 18.81
C LEU A 78 6.21 -0.23 18.10
N SER A 79 6.65 -1.48 17.90
CA SER A 79 7.96 -1.74 17.34
C SER A 79 7.85 -2.70 16.15
N LEU A 80 8.92 -2.73 15.36
CA LEU A 80 9.04 -3.68 14.24
C LEU A 80 10.51 -4.08 14.13
N GLN A 81 10.81 -5.32 14.49
CA GLN A 81 12.14 -5.88 14.32
C GLN A 81 12.24 -6.49 12.93
N MET A 82 13.17 -5.98 12.12
CA MET A 82 13.34 -6.39 10.73
C MET A 82 14.69 -7.10 10.58
N ASN A 83 14.65 -8.40 10.32
CA ASN A 83 15.85 -9.20 10.10
C ASN A 83 15.98 -9.60 8.65
N SER A 84 17.20 -10.00 8.26
CA SER A 84 17.47 -10.49 6.91
C SER A 84 16.94 -9.52 5.85
N LEU A 85 17.19 -8.23 6.09
CA LEU A 85 16.65 -7.19 5.21
C LEU A 85 17.17 -7.35 3.80
N ARG A 86 16.27 -7.17 2.84
CA ARG A 86 16.58 -7.30 1.43
C ARG A 86 16.38 -5.96 0.74
N ALA A 87 16.96 -5.83 -0.46
CA ALA A 87 16.85 -4.59 -1.22
C ALA A 87 15.39 -4.17 -1.42
N GLU A 88 14.54 -5.13 -1.78
CA GLU A 88 13.13 -4.84 -2.02
C GLU A 88 12.42 -4.32 -0.77
N ASP A 89 12.96 -4.57 0.43
CA ASP A 89 12.41 -4.02 1.66
C ASP A 89 12.57 -2.52 1.76
N THR A 90 13.32 -1.89 0.85
CA THR A 90 13.47 -0.44 0.83
C THR A 90 12.11 0.22 0.64
N ALA A 91 11.73 1.06 1.60
CA ALA A 91 10.40 1.66 1.63
C ALA A 91 10.35 2.70 2.73
N ILE A 92 9.28 3.48 2.73
CA ILE A 92 8.88 4.28 3.88
C ILE A 92 7.92 3.44 4.73
N TYR A 93 8.17 3.38 6.03
CA TYR A 93 7.40 2.51 6.93
C TYR A 93 6.50 3.34 7.81
N TYR A 94 5.20 3.15 7.68
CA TYR A 94 4.20 3.80 8.52
C TYR A 94 3.69 2.82 9.58
N CYS A 95 3.47 3.33 10.78
CA CYS A 95 2.60 2.68 11.74
C CYS A 95 1.24 3.37 11.69
N ALA A 96 0.17 2.60 11.87
CA ALA A 96 -1.16 3.15 11.85
C ALA A 96 -2.04 2.39 12.84
N ARG A 97 -3.11 3.04 13.28
CA ARG A 97 -4.11 2.44 14.13
C ARG A 97 -5.32 2.03 13.29
N ASP A 98 -5.80 0.81 13.49
CA ASP A 98 -6.97 0.27 12.80
C ASP A 98 -8.16 0.34 13.75
N PHE A 99 -9.11 1.23 13.46
CA PHE A 99 -10.26 1.42 14.33
C PHE A 99 -11.52 0.70 13.84
N TYR A 100 -11.56 0.25 12.59
CA TYR A 100 -12.70 -0.51 12.11
C TYR A 100 -12.25 -1.42 10.97
N GLU A 101 -11.99 -2.68 11.28
CA GLU A 101 -11.81 -3.73 10.28
C GLU A 101 -10.74 -3.38 9.24
N GLY A 102 -9.69 -2.66 9.64
CA GLY A 102 -8.63 -2.30 8.73
C GLY A 102 -8.56 -0.83 8.35
N SER A 103 -9.52 -0.02 8.76
CA SER A 103 -9.53 1.40 8.43
C SER A 103 -8.56 2.14 9.32
N PHE A 104 -7.56 2.78 8.72
CA PHE A 104 -6.48 3.41 9.46
C PHE A 104 -6.76 4.91 9.56
N ASP A 105 -7.13 5.36 10.76
CA ASP A 105 -7.42 6.78 10.95
C ASP A 105 -6.18 7.58 11.36
N ILE A 106 -5.38 7.08 12.31
CA ILE A 106 -4.16 7.77 12.72
C ILE A 106 -2.96 7.08 12.11
N TRP A 107 -2.11 7.87 11.43
CA TRP A 107 -0.90 7.40 10.78
C TRP A 107 0.31 8.14 11.35
N GLY A 108 1.45 7.46 11.36
CA GLY A 108 2.71 8.13 11.63
C GLY A 108 3.21 8.88 10.42
N GLN A 109 4.24 9.69 10.64
CA GLN A 109 4.81 10.46 9.55
C GLN A 109 5.63 9.61 8.58
N GLY A 110 5.95 8.38 8.94
CA GLY A 110 6.79 7.52 8.12
C GLY A 110 8.25 7.67 8.47
N THR A 111 8.99 6.58 8.29
CA THR A 111 10.43 6.61 8.45
C THR A 111 11.02 5.80 7.30
N MET A 112 12.17 6.23 6.80
CA MET A 112 12.73 5.66 5.58
C MET A 112 13.69 4.53 5.92
N VAL A 113 13.56 3.42 5.20
CA VAL A 113 14.46 2.29 5.33
C VAL A 113 15.07 2.03 3.96
N THR A 114 16.40 2.05 3.88
CA THR A 114 17.11 1.82 2.64
C THR A 114 18.01 0.61 2.84
N VAL A 115 17.86 -0.40 1.98
CA VAL A 115 18.65 -1.62 2.06
C VAL A 115 19.48 -1.71 0.79
N SER A 116 20.80 -1.55 0.93
CA SER A 116 21.69 -1.54 -0.23
C SER A 116 23.06 -2.01 0.19
N SER A 117 23.76 -2.65 -0.73
CA SER A 117 25.15 -3.03 -0.53
C SER A 117 26.10 -1.96 -1.04
N ALA A 118 25.59 -0.83 -1.51
CA ALA A 118 26.42 0.22 -2.04
C ALA A 118 27.14 0.95 -0.92
N SER A 119 28.29 1.53 -1.25
CA SER A 119 29.08 2.33 -0.32
C SER A 119 28.94 3.80 -0.67
N THR A 120 29.12 4.65 0.34
CA THR A 120 28.95 6.09 0.16
C THR A 120 29.92 6.62 -0.87
N LYS A 121 29.38 7.22 -1.94
CA LYS A 121 30.17 7.74 -3.04
C LYS A 121 29.61 9.08 -3.45
N GLY A 122 30.51 10.03 -3.73
CA GLY A 122 30.11 11.34 -4.17
C GLY A 122 29.93 11.40 -5.66
N PRO A 123 29.07 12.32 -6.11
CA PRO A 123 28.69 12.34 -7.52
C PRO A 123 29.81 12.81 -8.43
N SER A 124 29.69 12.40 -9.68
CA SER A 124 30.43 12.99 -10.79
C SER A 124 29.48 13.89 -11.55
N VAL A 125 29.86 15.16 -11.71
CA VAL A 125 28.99 16.16 -12.31
C VAL A 125 29.49 16.43 -13.73
N PHE A 126 28.65 16.10 -14.72
CA PHE A 126 29.01 16.26 -16.12
C PHE A 126 28.15 17.33 -16.77
N PRO A 127 28.71 18.13 -17.67
CA PRO A 127 27.90 19.18 -18.32
C PRO A 127 26.92 18.59 -19.30
N LEU A 128 25.72 19.13 -19.33
CA LEU A 128 24.76 18.88 -20.41
C LEU A 128 24.82 20.13 -21.27
N ALA A 129 25.61 20.07 -22.34
CA ALA A 129 26.06 21.27 -23.05
C ALA A 129 25.05 21.67 -24.12
N PRO A 130 24.67 22.94 -24.21
CA PRO A 130 23.69 23.35 -25.23
C PRO A 130 24.15 23.02 -26.64
N SER A 131 23.17 22.77 -27.51
CA SER A 131 23.41 22.48 -28.92
C SER A 131 24.23 23.59 -29.58
N SER A 132 25.24 23.19 -30.34
CA SER A 132 26.17 24.12 -30.98
C SER A 132 25.86 24.30 -32.47
N THR A 135 22.09 24.76 -32.01
CA THR A 135 22.17 24.94 -33.46
C THR A 135 21.04 25.82 -34.00
N SER A 136 19.98 26.01 -33.19
CA SER A 136 18.79 26.76 -33.62
C SER A 136 18.65 28.05 -32.81
N GLY A 137 17.48 28.69 -32.91
CA GLY A 137 17.22 29.92 -32.19
C GLY A 137 15.94 29.82 -31.39
N GLY A 138 15.83 30.70 -30.41
CA GLY A 138 14.67 30.74 -29.54
C GLY A 138 15.03 30.40 -28.10
N THR A 139 14.84 29.14 -27.72
CA THR A 139 15.09 28.67 -26.36
C THR A 139 16.22 27.65 -26.37
N ALA A 140 17.17 27.81 -25.46
CA ALA A 140 18.29 26.89 -25.30
C ALA A 140 18.18 26.15 -23.98
N ALA A 141 18.59 24.89 -23.98
CA ALA A 141 18.62 24.07 -22.78
C ALA A 141 20.05 23.70 -22.44
N LEU A 142 20.38 23.79 -21.16
CA LEU A 142 21.67 23.32 -20.66
C LEU A 142 21.42 22.68 -19.30
N GLY A 143 22.36 21.85 -18.87
CA GLY A 143 22.14 21.18 -17.62
C GLY A 143 23.39 20.52 -17.06
N CYS A 144 23.18 19.84 -15.94
CA CYS A 144 24.20 19.05 -15.26
C CYS A 144 23.70 17.63 -15.08
N LEU A 145 24.57 16.68 -15.31
CA LEU A 145 24.29 15.26 -15.07
C LEU A 145 25.06 14.87 -13.80
N VAL A 146 24.32 14.62 -12.73
CA VAL A 146 24.88 14.31 -11.42
C VAL A 146 24.84 12.80 -11.27
N LYS A 147 25.96 12.13 -11.56
CA LYS A 147 25.96 10.71 -11.83
C LYS A 147 26.76 9.93 -10.79
N ASP A 148 26.21 8.77 -10.39
CA ASP A 148 26.93 7.74 -9.64
C ASP A 148 27.26 8.20 -8.21
N TYR A 149 26.22 8.41 -7.42
CA TYR A 149 26.39 8.79 -6.03
C TYR A 149 25.54 7.89 -5.15
N PHE A 150 25.85 7.90 -3.85
CA PHE A 150 25.11 7.11 -2.90
C PHE A 150 25.46 7.60 -1.50
N PRO A 151 24.47 7.76 -0.62
CA PRO A 151 23.06 7.56 -0.90
C PRO A 151 22.38 8.85 -1.29
N GLU A 152 21.06 8.82 -1.37
CA GLU A 152 20.28 10.02 -1.51
C GLU A 152 20.41 10.87 -0.24
N PRO A 153 20.18 12.19 -0.34
CA PRO A 153 19.90 12.92 -1.57
C PRO A 153 21.06 13.80 -2.01
N VAL A 154 20.90 14.42 -3.19
CA VAL A 154 21.76 15.51 -3.63
C VAL A 154 20.89 16.75 -3.79
N THR A 155 21.53 17.91 -3.72
CA THR A 155 20.87 19.18 -3.97
C THR A 155 21.61 19.91 -5.07
N VAL A 156 20.85 20.42 -6.04
CA VAL A 156 21.40 21.14 -7.17
C VAL A 156 20.78 22.51 -7.22
N SER A 157 21.62 23.54 -7.32
CA SER A 157 21.16 24.90 -7.57
C SER A 157 21.93 25.44 -8.76
N TRP A 158 21.44 26.55 -9.33
CA TRP A 158 22.10 27.20 -10.45
C TRP A 158 22.49 28.62 -10.09
N ASN A 159 23.75 28.98 -10.40
CA ASN A 159 24.30 30.30 -10.13
C ASN A 159 24.14 30.70 -8.67
N SER A 160 24.41 29.74 -7.77
CA SER A 160 24.34 29.95 -6.32
C SER A 160 22.95 30.36 -5.86
N GLY A 161 21.92 29.88 -6.57
CA GLY A 161 20.55 30.22 -6.27
C GLY A 161 20.01 31.44 -6.98
N ALA A 162 20.87 32.18 -7.72
CA ALA A 162 20.40 33.37 -8.43
C ALA A 162 19.52 33.02 -9.61
N LEU A 163 19.66 31.83 -10.17
CA LEU A 163 18.88 31.38 -11.32
C LEU A 163 17.94 30.27 -10.87
N THR A 164 16.65 30.59 -10.76
CA THR A 164 15.63 29.62 -10.40
C THR A 164 14.61 29.40 -11.50
N SER A 165 14.31 30.41 -12.28
CA SER A 165 13.27 30.29 -13.29
C SER A 165 13.70 29.32 -14.39
N GLY A 166 12.77 28.46 -14.81
CA GLY A 166 13.04 27.53 -15.88
C GLY A 166 13.88 26.32 -15.50
N VAL A 167 14.13 26.12 -14.20
CA VAL A 167 14.97 25.02 -13.72
C VAL A 167 14.12 23.79 -13.48
N HIS A 168 14.58 22.65 -13.98
CA HIS A 168 13.94 21.35 -13.71
C HIS A 168 15.02 20.42 -13.17
N THR A 169 14.93 20.07 -11.89
CA THR A 169 15.78 19.06 -11.29
C THR A 169 14.97 17.78 -11.18
N PHE A 170 15.43 16.74 -11.83
CA PHE A 170 14.58 15.56 -11.97
C PHE A 170 14.77 14.60 -10.81
N PRO A 171 13.76 13.77 -10.52
CA PRO A 171 13.97 12.67 -9.58
C PRO A 171 15.13 11.80 -10.03
N ALA A 172 15.96 11.41 -9.06
CA ALA A 172 17.08 10.53 -9.41
C ALA A 172 16.58 9.14 -9.75
N VAL A 173 17.38 8.41 -10.50
CA VAL A 173 17.10 7.02 -10.84
C VAL A 173 18.16 6.15 -10.18
N LEU A 174 17.73 5.00 -9.68
CA LEU A 174 18.63 4.00 -9.14
C LEU A 174 19.11 3.12 -10.29
N GLN A 175 20.41 3.14 -10.53
CA GLN A 175 21.01 2.36 -11.60
C GLN A 175 21.31 0.94 -11.11
N SER A 176 21.40 0.01 -12.06
CA SER A 176 21.65 -1.38 -11.71
C SER A 176 22.97 -1.56 -10.98
N SER A 177 23.85 -0.56 -11.01
CA SER A 177 25.08 -0.56 -10.23
C SER A 177 24.84 -0.37 -8.73
N GLY A 178 23.64 0.06 -8.33
CA GLY A 178 23.39 0.43 -6.96
C GLY A 178 23.57 1.89 -6.66
N LEU A 179 24.06 2.67 -7.62
CA LEU A 179 24.31 4.09 -7.45
C LEU A 179 23.18 4.90 -8.09
N TYR A 180 22.86 6.03 -7.47
CA TYR A 180 21.86 6.92 -8.02
C TYR A 180 22.47 7.83 -9.08
N SER A 181 21.59 8.43 -9.88
CA SER A 181 22.00 9.37 -10.92
C SER A 181 20.82 10.29 -11.23
N LEU A 182 21.08 11.60 -11.32
CA LEU A 182 20.03 12.51 -11.74
C LEU A 182 20.60 13.57 -12.66
N SER A 183 19.69 14.29 -13.31
CA SER A 183 20.05 15.40 -14.16
C SER A 183 19.24 16.62 -13.73
N SER A 184 19.84 17.79 -13.91
CA SER A 184 19.21 19.07 -13.62
C SER A 184 19.41 19.98 -14.82
N VAL A 185 18.32 20.47 -15.39
CA VAL A 185 18.37 21.28 -16.59
C VAL A 185 17.75 22.64 -16.32
N VAL A 186 18.05 23.58 -17.22
CA VAL A 186 17.45 24.89 -17.21
C VAL A 186 17.36 25.37 -18.65
N THR A 187 16.24 25.97 -19.01
CA THR A 187 16.09 26.59 -20.31
C THR A 187 16.30 28.10 -20.18
N VAL A 188 16.99 28.67 -21.16
CA VAL A 188 17.33 30.09 -21.18
C VAL A 188 17.17 30.59 -22.61
N PRO A 189 17.07 31.91 -22.78
CA PRO A 189 17.03 32.44 -24.16
C PRO A 189 18.35 32.18 -24.87
N SER A 190 18.24 31.83 -26.16
CA SER A 190 19.42 31.55 -26.99
C SER A 190 20.47 32.66 -26.89
N SER A 191 20.02 33.91 -26.93
CA SER A 191 20.95 35.04 -26.99
C SER A 191 21.81 35.17 -25.73
N SER A 192 21.42 34.54 -24.61
CA SER A 192 22.16 34.67 -23.37
C SER A 192 23.29 33.65 -23.22
N LEU A 193 23.39 32.68 -24.13
CA LEU A 193 24.46 31.69 -24.06
C LEU A 193 25.85 32.31 -24.18
N GLY A 194 25.95 33.47 -24.83
CA GLY A 194 27.21 34.13 -24.97
C GLY A 194 27.44 35.28 -24.04
N THR A 195 26.50 35.58 -23.15
CA THR A 195 26.61 36.73 -22.26
C THR A 195 26.55 36.37 -20.79
N GLN A 196 25.87 35.29 -20.42
CA GLN A 196 25.72 34.86 -19.04
C GLN A 196 26.44 33.55 -18.81
N THR A 197 27.23 33.48 -17.74
CA THR A 197 27.83 32.21 -17.35
C THR A 197 26.83 31.40 -16.54
N TYR A 198 26.81 30.09 -16.77
CA TYR A 198 25.89 29.17 -16.09
C TYR A 198 26.67 28.14 -15.32
N ILE A 199 26.44 28.08 -14.01
CA ILE A 199 27.13 27.16 -13.11
C ILE A 199 26.07 26.42 -12.29
N CYS A 200 26.11 25.09 -12.33
CA CYS A 200 25.29 24.30 -11.43
C CYS A 200 26.10 23.97 -10.18
N ASN A 201 25.45 24.08 -9.02
CA ASN A 201 26.10 23.82 -7.74
C ASN A 201 25.48 22.55 -7.16
N VAL A 202 26.29 21.50 -7.04
CA VAL A 202 25.85 20.19 -6.58
C VAL A 202 26.41 19.96 -5.18
N ASN A 203 25.54 19.59 -4.25
CA ASN A 203 25.93 19.32 -2.88
C ASN A 203 25.41 17.95 -2.48
N HIS A 204 26.32 17.08 -2.04
CA HIS A 204 26.01 15.72 -1.59
C HIS A 204 26.56 15.58 -0.17
N LYS A 205 25.73 15.90 0.82
CA LYS A 205 26.21 15.93 2.20
C LYS A 205 26.72 14.60 2.72
N PRO A 206 26.17 13.44 2.35
CA PRO A 206 26.72 12.18 2.89
C PRO A 206 28.19 11.96 2.58
N SER A 207 28.71 12.50 1.49
CA SER A 207 30.11 12.32 1.12
C SER A 207 30.96 13.54 1.39
N ASN A 208 30.36 14.63 1.91
CA ASN A 208 31.03 15.92 2.06
C ASN A 208 31.58 16.40 0.71
N THR A 209 30.71 16.36 -0.30
CA THR A 209 31.06 16.73 -1.66
C THR A 209 30.26 17.95 -2.07
N LYS A 210 30.96 18.98 -2.53
CA LYS A 210 30.35 20.16 -3.13
C LYS A 210 31.06 20.44 -4.45
N VAL A 211 30.30 20.51 -5.53
CA VAL A 211 30.87 20.67 -6.87
C VAL A 211 30.18 21.84 -7.56
N ASP A 212 30.97 22.72 -8.15
CA ASP A 212 30.49 23.75 -9.06
C ASP A 212 30.96 23.39 -10.45
N LYS A 213 30.03 23.27 -11.39
CA LYS A 213 30.37 22.93 -12.77
C LYS A 213 29.89 24.04 -13.69
N LYS A 214 30.83 24.63 -14.43
CA LYS A 214 30.51 25.62 -15.46
C LYS A 214 30.04 24.88 -16.71
N VAL A 215 28.84 25.20 -17.17
CA VAL A 215 28.30 24.59 -18.38
C VAL A 215 28.37 25.62 -19.49
N GLU A 216 29.10 25.29 -20.55
CA GLU A 216 29.30 26.17 -21.69
C GLU A 216 29.00 25.43 -22.98
N PRO A 217 28.62 26.16 -24.03
CA PRO A 217 28.44 25.51 -25.33
C PRO A 217 29.76 24.94 -25.83
N LYS A 218 29.69 23.74 -26.39
CA LYS A 218 30.90 23.04 -26.83
C LYS A 218 31.43 23.65 -28.12
N SER A 219 32.75 23.69 -28.24
CA SER A 219 33.41 24.28 -29.41
C SER A 219 34.04 23.22 -30.29
N ILE B 2 -8.30 -12.25 -3.16
CA ILE B 2 -9.10 -11.18 -3.77
C ILE B 2 -8.21 -10.02 -4.20
N GLN B 3 -8.48 -9.48 -5.40
CA GLN B 3 -7.68 -8.43 -6.00
C GLN B 3 -8.53 -7.21 -6.29
N LEU B 4 -7.91 -6.03 -6.18
CA LEU B 4 -8.56 -4.75 -6.41
C LEU B 4 -7.94 -4.06 -7.61
N THR B 5 -8.78 -3.70 -8.57
CA THR B 5 -8.37 -2.83 -9.66
C THR B 5 -8.98 -1.45 -9.45
N GLN B 6 -8.32 -0.43 -9.97
CA GLN B 6 -8.73 0.95 -9.75
C GLN B 6 -8.68 1.70 -11.08
N SER B 7 -9.80 2.28 -11.48
CA SER B 7 -9.95 2.93 -12.77
C SER B 7 -10.46 4.36 -12.61
N PRO B 8 -9.88 5.33 -13.33
CA PRO B 8 -8.74 5.18 -14.23
C PRO B 8 -7.42 5.33 -13.48
N SER B 9 -6.31 4.96 -14.11
CA SER B 9 -5.02 5.13 -13.44
C SER B 9 -4.67 6.60 -13.26
N PHE B 10 -4.89 7.41 -14.29
CA PHE B 10 -4.61 8.83 -14.26
C PHE B 10 -5.84 9.59 -14.71
N LEU B 11 -6.03 10.77 -14.12
CA LEU B 11 -7.23 11.56 -14.38
C LEU B 11 -6.89 13.04 -14.33
N SER B 12 -7.28 13.77 -15.38
CA SER B 12 -7.07 15.21 -15.45
C SER B 12 -8.39 15.93 -15.20
N ALA B 13 -8.39 16.85 -14.24
CA ALA B 13 -9.61 17.55 -13.86
C ALA B 13 -9.30 19.01 -13.60
N SER B 14 -10.35 19.84 -13.59
CA SER B 14 -10.26 21.26 -13.29
C SER B 14 -10.95 21.58 -11.98
N ILE B 15 -10.61 22.74 -11.41
CA ILE B 15 -11.22 23.20 -10.17
C ILE B 15 -12.70 23.44 -10.38
N GLY B 16 -13.54 22.71 -9.65
CA GLY B 16 -14.98 22.81 -9.75
C GLY B 16 -15.65 21.64 -10.43
N ASP B 17 -14.87 20.69 -10.97
CA ASP B 17 -15.43 19.55 -11.66
C ASP B 17 -16.01 18.53 -10.68
N ARG B 18 -16.81 17.61 -11.22
CA ARG B 18 -17.34 16.47 -10.49
C ARG B 18 -16.51 15.25 -10.87
N VAL B 19 -15.71 14.76 -9.94
CA VAL B 19 -14.74 13.71 -10.20
C VAL B 19 -15.25 12.41 -9.59
N THR B 20 -15.21 11.33 -10.37
CA THR B 20 -15.60 10.00 -9.87
C THR B 20 -14.46 9.03 -10.13
N ILE B 21 -14.06 8.31 -9.09
CA ILE B 21 -13.01 7.30 -9.14
C ILE B 21 -13.63 5.95 -8.81
N THR B 22 -13.25 4.92 -9.55
CA THR B 22 -13.85 3.59 -9.41
C THR B 22 -12.84 2.59 -8.88
N CYS B 23 -13.29 1.76 -7.95
CA CYS B 23 -12.53 0.63 -7.43
C CYS B 23 -13.35 -0.64 -7.67
N ARG B 24 -12.70 -1.69 -8.17
CA ARG B 24 -13.37 -2.94 -8.53
C ARG B 24 -12.73 -4.11 -7.80
N ALA B 25 -13.56 -4.89 -7.10
CA ALA B 25 -13.12 -6.04 -6.34
C ALA B 25 -13.50 -7.32 -7.08
N SER B 26 -12.55 -8.25 -7.19
CA SER B 26 -12.84 -9.52 -7.87
C SER B 26 -13.86 -10.42 -7.10
N GLN B 27 -14.51 -10.01 -6.01
CA GLN B 27 -15.57 -10.79 -5.38
C GLN B 27 -16.43 -9.89 -4.50
N GLY B 28 -17.64 -10.36 -4.19
CA GLY B 28 -18.60 -9.58 -3.40
C GLY B 28 -18.21 -9.34 -1.95
N ILE B 29 -17.72 -8.13 -1.66
CA ILE B 29 -17.19 -7.77 -0.36
C ILE B 29 -18.10 -6.78 0.37
N SER B 30 -19.38 -6.74 0.01
CA SER B 30 -20.35 -5.82 0.57
C SER B 30 -19.83 -4.39 0.67
N SER B 31 -19.80 -3.83 1.88
CA SER B 31 -19.39 -2.46 2.10
C SER B 31 -17.99 -2.36 2.70
N TYR B 32 -17.21 -3.44 2.66
CA TYR B 32 -15.92 -3.47 3.34
C TYR B 32 -14.83 -2.81 2.48
N LEU B 33 -14.96 -1.49 2.34
CA LEU B 33 -14.02 -0.71 1.55
C LEU B 33 -13.76 0.62 2.24
N ALA B 34 -12.54 1.12 2.09
CA ALA B 34 -12.14 2.44 2.57
C ALA B 34 -11.40 3.17 1.46
N TRP B 35 -11.38 4.50 1.56
CA TRP B 35 -10.71 5.34 0.58
C TRP B 35 -9.71 6.26 1.28
N TYR B 36 -8.52 6.36 0.71
CA TYR B 36 -7.48 7.26 1.23
C TYR B 36 -7.04 8.24 0.15
N GLN B 37 -6.65 9.42 0.60
CA GLN B 37 -5.95 10.39 -0.21
C GLN B 37 -4.49 10.41 0.21
N GLN B 38 -3.58 10.56 -0.75
CA GLN B 38 -2.17 10.72 -0.43
C GLN B 38 -1.54 11.75 -1.36
N LYS B 39 -0.80 12.70 -0.77
CA LYS B 39 0.00 13.74 -1.42
C LYS B 39 1.48 13.42 -1.28
N PRO B 40 2.30 13.79 -2.26
CA PRO B 40 3.71 13.37 -2.26
C PRO B 40 4.41 13.67 -0.94
N GLY B 41 5.09 12.65 -0.42
CA GLY B 41 5.83 12.79 0.83
C GLY B 41 5.00 12.82 2.09
N LYS B 42 3.70 12.55 2.01
CA LYS B 42 2.83 12.56 3.17
C LYS B 42 2.27 11.16 3.39
N ALA B 43 1.83 10.90 4.62
CA ALA B 43 1.13 9.67 4.89
C ALA B 43 -0.26 9.72 4.29
N PRO B 44 -0.87 8.57 4.02
CA PRO B 44 -2.26 8.56 3.57
C PRO B 44 -3.18 9.19 4.61
N LYS B 45 -4.33 9.65 4.11
CA LYS B 45 -5.34 10.30 4.93
C LYS B 45 -6.66 9.59 4.66
N LEU B 46 -7.30 9.11 5.72
CA LEU B 46 -8.55 8.39 5.55
C LEU B 46 -9.66 9.35 5.17
N LEU B 47 -10.40 9.01 4.12
CA LEU B 47 -11.52 9.79 3.62
C LEU B 47 -12.85 9.10 3.94
N ILE B 48 -13.01 7.87 3.46
CA ILE B 48 -14.25 7.12 3.58
C ILE B 48 -13.91 5.76 4.16
N TYR B 49 -14.83 5.22 4.95
CA TYR B 49 -14.71 3.83 5.37
C TYR B 49 -16.10 3.22 5.38
N ALA B 50 -16.14 1.89 5.31
CA ALA B 50 -17.40 1.15 5.11
C ALA B 50 -18.13 1.67 3.88
N ALA B 51 -17.37 1.88 2.81
CA ALA B 51 -17.84 2.25 1.47
C ALA B 51 -18.38 3.67 1.39
N SER B 52 -19.17 4.10 2.39
CA SER B 52 -19.85 5.38 2.27
C SER B 52 -19.79 6.27 3.51
N THR B 53 -19.21 5.83 4.61
CA THR B 53 -19.17 6.66 5.81
C THR B 53 -18.03 7.67 5.68
N LEU B 54 -18.37 8.95 5.72
CA LEU B 54 -17.35 10.00 5.67
C LEU B 54 -16.59 10.03 6.99
N GLN B 55 -15.26 9.89 6.91
CA GLN B 55 -14.44 10.03 8.10
C GLN B 55 -14.52 11.47 8.61
N SER B 56 -14.55 11.63 9.93
CA SER B 56 -14.70 12.95 10.53
C SER B 56 -13.57 13.88 10.13
N GLY B 57 -13.92 15.14 9.89
CA GLY B 57 -12.95 16.14 9.47
C GLY B 57 -12.68 16.16 7.99
N VAL B 58 -13.12 15.16 7.24
CA VAL B 58 -12.99 15.18 5.78
C VAL B 58 -14.09 16.06 5.20
N PRO B 59 -13.78 16.95 4.25
CA PRO B 59 -14.81 17.82 3.68
C PRO B 59 -15.98 17.02 3.11
N SER B 60 -17.15 17.65 3.10
CA SER B 60 -18.36 16.99 2.67
C SER B 60 -18.43 16.76 1.16
N ARG B 61 -17.61 17.48 0.37
CA ARG B 61 -17.62 17.27 -1.07
C ARG B 61 -17.17 15.86 -1.45
N PHE B 62 -16.54 15.14 -0.52
CA PHE B 62 -16.19 13.75 -0.71
C PHE B 62 -17.36 12.85 -0.32
N SER B 63 -17.62 11.84 -1.13
CA SER B 63 -18.61 10.84 -0.76
C SER B 63 -18.21 9.52 -1.41
N GLY B 64 -18.56 8.43 -0.75
CA GLY B 64 -18.31 7.12 -1.33
C GLY B 64 -19.62 6.38 -1.49
N SER B 65 -19.65 5.44 -2.42
CA SER B 65 -20.86 4.65 -2.64
C SER B 65 -20.46 3.33 -3.29
N GLY B 66 -21.39 2.40 -3.28
CA GLY B 66 -21.19 1.08 -3.84
C GLY B 66 -21.31 -0.01 -2.78
N SER B 67 -21.37 -1.25 -3.29
CA SER B 67 -21.51 -2.44 -2.47
C SER B 67 -21.38 -3.69 -3.34
N GLY B 68 -20.61 -4.67 -2.90
CA GLY B 68 -20.41 -5.86 -3.72
C GLY B 68 -19.08 -5.82 -4.43
N THR B 69 -19.05 -5.28 -5.66
CA THR B 69 -17.82 -5.24 -6.44
C THR B 69 -17.49 -3.88 -7.01
N GLU B 70 -18.46 -2.99 -7.20
CA GLU B 70 -18.24 -1.70 -7.83
C GLU B 70 -18.33 -0.62 -6.77
N PHE B 71 -17.23 0.08 -6.54
CA PHE B 71 -17.20 1.17 -5.57
C PHE B 71 -16.69 2.43 -6.26
N THR B 72 -17.22 3.57 -5.85
CA THR B 72 -16.83 4.85 -6.43
C THR B 72 -16.55 5.85 -5.33
N LEU B 73 -15.49 6.63 -5.52
CA LEU B 73 -15.22 7.82 -4.73
C LEU B 73 -15.56 9.03 -5.57
N THR B 74 -16.33 9.95 -5.02
CA THR B 74 -16.82 11.10 -5.78
C THR B 74 -16.51 12.39 -5.05
N ILE B 75 -15.79 13.29 -5.72
CA ILE B 75 -15.58 14.65 -5.25
C ILE B 75 -16.49 15.53 -6.09
N SER B 76 -17.49 16.14 -5.45
CA SER B 76 -18.55 16.81 -6.20
C SER B 76 -18.09 18.13 -6.80
N SER B 77 -17.18 18.85 -6.14
CA SER B 77 -16.64 20.10 -6.66
C SER B 77 -15.16 20.16 -6.29
N LEU B 78 -14.31 19.77 -7.24
CA LEU B 78 -12.88 19.63 -6.96
C LEU B 78 -12.28 20.96 -6.53
N GLN B 79 -11.46 20.92 -5.49
CA GLN B 79 -10.78 22.08 -4.94
C GLN B 79 -9.28 21.92 -5.12
N PRO B 80 -8.51 23.03 -5.12
CA PRO B 80 -7.08 22.93 -5.41
C PRO B 80 -6.31 21.96 -4.51
N GLU B 81 -6.75 21.76 -3.26
CA GLU B 81 -6.04 20.83 -2.40
C GLU B 81 -6.48 19.38 -2.61
N ASP B 82 -7.38 19.13 -3.56
CA ASP B 82 -7.83 17.78 -3.85
C ASP B 82 -6.98 17.09 -4.92
N PHE B 83 -6.04 17.80 -5.54
CA PHE B 83 -5.15 17.17 -6.50
C PHE B 83 -4.14 16.31 -5.74
N ALA B 84 -4.28 15.00 -5.85
CA ALA B 84 -3.52 14.04 -5.06
C ALA B 84 -3.70 12.67 -5.70
N SER B 85 -3.23 11.64 -5.00
CA SER B 85 -3.50 10.26 -5.35
C SER B 85 -4.53 9.70 -4.38
N TYR B 86 -5.28 8.71 -4.85
CA TYR B 86 -6.39 8.13 -4.10
C TYR B 86 -6.31 6.61 -4.20
N TYR B 87 -6.42 5.94 -3.05
CA TYR B 87 -6.34 4.49 -2.95
C TYR B 87 -7.58 3.95 -2.26
N CYS B 88 -8.11 2.83 -2.77
CA CYS B 88 -9.10 2.05 -2.04
C CYS B 88 -8.41 0.91 -1.29
N GLN B 89 -9.09 0.40 -0.28
CA GLN B 89 -8.58 -0.67 0.57
C GLN B 89 -9.70 -1.64 0.88
N GLN B 90 -9.40 -2.93 0.79
CA GLN B 90 -10.36 -3.96 1.21
C GLN B 90 -10.33 -4.08 2.72
N LEU B 91 -11.48 -3.90 3.35
CA LEU B 91 -11.60 -4.06 4.79
C LEU B 91 -11.98 -5.50 5.14
N ASN B 92 -11.78 -5.85 6.40
CA ASN B 92 -12.18 -7.16 6.92
C ASN B 92 -11.54 -8.28 6.11
N SER B 93 -10.23 -8.17 5.92
CA SER B 93 -9.48 -9.12 5.10
C SER B 93 -8.17 -9.54 5.77
N TYR B 94 -8.09 -9.48 7.10
CA TYR B 94 -6.95 -10.06 7.80
C TYR B 94 -6.96 -11.58 7.59
N PRO B 95 -5.78 -12.21 7.49
CA PRO B 95 -4.46 -11.58 7.59
C PRO B 95 -3.82 -11.16 6.26
N ALA B 96 -4.53 -10.38 5.42
CA ALA B 96 -3.92 -9.84 4.21
C ALA B 96 -4.73 -8.69 3.61
N PRO B 97 -4.66 -7.50 4.20
CA PRO B 97 -5.33 -6.33 3.61
C PRO B 97 -4.79 -6.06 2.20
N VAL B 98 -5.67 -5.54 1.35
CA VAL B 98 -5.37 -5.29 -0.05
C VAL B 98 -5.62 -3.81 -0.34
N PHE B 99 -4.64 -3.17 -0.98
CA PHE B 99 -4.78 -1.79 -1.45
C PHE B 99 -4.90 -1.76 -2.96
N GLY B 100 -5.78 -0.91 -3.46
CA GLY B 100 -5.90 -0.72 -4.89
C GLY B 100 -4.65 -0.06 -5.44
N PRO B 101 -4.45 -0.17 -6.76
CA PRO B 101 -3.24 0.40 -7.36
C PRO B 101 -3.15 1.91 -7.30
N GLY B 102 -4.26 2.63 -7.20
CA GLY B 102 -4.19 4.06 -7.02
C GLY B 102 -4.65 4.83 -8.24
N THR B 103 -5.17 6.04 -8.00
CA THR B 103 -5.57 6.96 -9.05
C THR B 103 -4.93 8.31 -8.78
N LYS B 104 -4.22 8.86 -9.77
CA LYS B 104 -3.58 10.16 -9.64
C LYS B 104 -4.41 11.20 -10.39
N VAL B 105 -4.81 12.25 -9.68
CA VAL B 105 -5.63 13.31 -10.23
C VAL B 105 -4.75 14.55 -10.38
N ASP B 106 -4.55 14.99 -11.62
CA ASP B 106 -3.72 16.16 -11.89
C ASP B 106 -4.56 17.28 -12.48
N ILE B 107 -3.93 18.44 -12.61
CA ILE B 107 -4.61 19.66 -13.03
C ILE B 107 -4.73 19.66 -14.55
N LYS B 108 -5.95 19.78 -15.04
CA LYS B 108 -6.19 19.82 -16.48
C LYS B 108 -5.76 21.17 -17.05
N ARG B 109 -5.17 21.14 -18.24
CA ARG B 109 -4.87 22.35 -19.00
C ARG B 109 -4.86 21.98 -20.48
N THR B 110 -4.76 23.00 -21.33
CA THR B 110 -4.71 22.74 -22.76
C THR B 110 -3.41 22.02 -23.12
N VAL B 111 -3.45 21.30 -24.25
CA VAL B 111 -2.31 20.48 -24.65
C VAL B 111 -1.12 21.36 -24.95
N ALA B 112 0.06 20.92 -24.50
CA ALA B 112 1.30 21.66 -24.74
C ALA B 112 2.37 20.68 -25.19
N ALA B 113 2.85 20.83 -26.42
CA ALA B 113 3.88 19.96 -26.93
C ALA B 113 5.23 20.25 -26.25
N PRO B 114 6.07 19.23 -26.11
CA PRO B 114 7.35 19.44 -25.43
C PRO B 114 8.41 20.03 -26.34
N SER B 115 9.30 20.81 -25.73
CA SER B 115 10.55 21.22 -26.35
C SER B 115 11.54 20.09 -26.09
N VAL B 116 12.12 19.56 -27.17
CA VAL B 116 12.97 18.36 -27.11
C VAL B 116 14.42 18.78 -27.35
N PHE B 117 15.32 18.34 -26.46
CA PHE B 117 16.75 18.58 -26.60
C PHE B 117 17.50 17.28 -26.36
N ILE B 118 18.57 17.06 -27.13
CA ILE B 118 19.44 15.90 -26.96
C ILE B 118 20.83 16.39 -26.57
N PHE B 119 21.47 15.66 -25.67
CA PHE B 119 22.77 16.03 -25.14
C PHE B 119 23.74 14.88 -25.34
N PRO B 120 24.86 15.09 -26.02
CA PRO B 120 25.86 14.04 -26.14
C PRO B 120 26.61 13.85 -24.83
N PRO B 121 27.28 12.72 -24.64
CA PRO B 121 28.11 12.56 -23.45
C PRO B 121 29.28 13.53 -23.49
N SER B 122 29.64 14.05 -22.32
CA SER B 122 30.75 14.98 -22.25
C SER B 122 32.07 14.28 -22.54
N ASP B 123 33.06 15.04 -23.00
CA ASP B 123 34.40 14.47 -23.16
C ASP B 123 34.95 13.99 -21.83
N GLU B 124 34.61 14.67 -20.73
CA GLU B 124 35.11 14.27 -19.42
C GLU B 124 34.62 12.88 -19.05
N GLN B 125 33.32 12.61 -19.27
CA GLN B 125 32.76 11.31 -18.92
C GLN B 125 33.35 10.21 -19.79
N LEU B 126 33.56 10.49 -21.08
CA LEU B 126 34.07 9.47 -21.99
C LEU B 126 35.46 8.99 -21.58
N LYS B 127 36.22 9.84 -20.89
CA LYS B 127 37.50 9.39 -20.35
C LYS B 127 37.32 8.31 -19.28
N SER B 128 36.14 8.25 -18.66
CA SER B 128 35.87 7.30 -17.60
C SER B 128 35.44 5.92 -18.12
N GLY B 129 35.20 5.79 -19.42
CA GLY B 129 34.78 4.51 -19.97
C GLY B 129 33.29 4.32 -20.11
N THR B 130 32.50 5.38 -19.93
CA THR B 130 31.04 5.29 -20.02
C THR B 130 30.52 6.51 -20.77
N ALA B 131 29.43 6.32 -21.51
CA ALA B 131 28.79 7.38 -22.28
C ALA B 131 27.32 7.46 -21.90
N SER B 132 26.92 8.58 -21.30
CA SER B 132 25.53 8.85 -21.00
C SER B 132 24.99 9.84 -22.02
N VAL B 133 23.98 9.43 -22.77
CA VAL B 133 23.29 10.31 -23.71
C VAL B 133 21.96 10.68 -23.09
N VAL B 134 21.65 11.98 -23.07
CA VAL B 134 20.49 12.49 -22.34
C VAL B 134 19.55 13.19 -23.32
N CYS B 135 18.27 12.88 -23.21
CA CYS B 135 17.21 13.48 -24.02
C CYS B 135 16.23 14.16 -23.07
N LEU B 136 15.89 15.41 -23.36
CA LEU B 136 15.07 16.21 -22.46
C LEU B 136 13.77 16.63 -23.14
N LEU B 137 12.65 16.42 -22.45
CA LEU B 137 11.33 16.86 -22.91
C LEU B 137 10.83 17.90 -21.93
N ASN B 138 10.67 19.15 -22.39
CA ASN B 138 10.49 20.28 -21.50
C ASN B 138 9.08 20.85 -21.60
N ASN B 139 8.40 20.97 -20.46
CA ASN B 139 7.15 21.70 -20.33
C ASN B 139 6.08 21.22 -21.33
N PHE B 140 5.61 20.00 -21.10
CA PHE B 140 4.57 19.43 -21.93
C PHE B 140 3.35 19.01 -21.12
N TYR B 141 2.22 18.82 -21.81
CA TYR B 141 0.97 18.37 -21.23
C TYR B 141 0.18 17.71 -22.34
N PRO B 142 -0.49 16.58 -22.06
CA PRO B 142 -0.53 15.89 -20.77
C PRO B 142 0.71 15.02 -20.52
N ARG B 143 0.72 14.30 -19.39
CA ARG B 143 1.93 13.63 -18.94
C ARG B 143 2.36 12.50 -19.86
N GLU B 144 1.42 11.88 -20.58
CA GLU B 144 1.73 10.72 -21.41
C GLU B 144 2.66 11.11 -22.55
N ALA B 145 3.87 10.56 -22.55
CA ALA B 145 4.88 10.84 -23.57
C ALA B 145 5.77 9.62 -23.73
N LYS B 146 6.38 9.51 -24.92
CA LYS B 146 7.13 8.31 -25.29
C LYS B 146 8.45 8.73 -25.92
N VAL B 147 9.55 8.27 -25.32
CA VAL B 147 10.90 8.51 -25.80
C VAL B 147 11.41 7.22 -26.41
N GLN B 148 11.80 7.28 -27.68
CA GLN B 148 12.36 6.12 -28.37
C GLN B 148 13.79 6.47 -28.74
N TRP B 149 14.75 5.79 -28.12
CA TRP B 149 16.14 5.95 -28.49
C TRP B 149 16.45 5.15 -29.75
N LYS B 150 17.20 5.76 -30.65
CA LYS B 150 17.68 5.08 -31.85
C LYS B 150 19.18 5.30 -31.96
N VAL B 151 19.91 4.23 -32.25
CA VAL B 151 21.35 4.30 -32.49
C VAL B 151 21.58 3.75 -33.89
N ASP B 152 21.97 4.64 -34.81
CA ASP B 152 22.08 4.30 -36.22
C ASP B 152 20.79 3.66 -36.74
N ASN B 153 19.66 4.20 -36.28
CA ASN B 153 18.31 3.75 -36.63
C ASN B 153 17.93 2.40 -36.03
N ALA B 154 18.66 1.92 -35.02
CA ALA B 154 18.28 0.71 -34.32
C ALA B 154 17.56 1.12 -33.04
N LEU B 155 16.31 0.69 -32.89
CA LEU B 155 15.54 1.07 -31.72
C LEU B 155 16.14 0.39 -30.49
N GLN B 156 16.38 1.17 -29.43
CA GLN B 156 17.06 0.70 -28.24
C GLN B 156 16.07 0.43 -27.12
N SER B 157 16.16 -0.74 -26.52
CA SER B 157 15.44 -1.00 -25.27
C SER B 157 16.36 -1.75 -24.33
N GLY B 158 16.17 -1.51 -23.03
CA GLY B 158 16.95 -2.15 -21.99
C GLY B 158 18.22 -1.44 -21.59
N ASN B 159 18.41 -0.18 -22.03
CA ASN B 159 19.60 0.57 -21.65
C ASN B 159 19.29 2.04 -21.41
N SER B 160 18.03 2.38 -21.12
CA SER B 160 17.65 3.74 -20.79
C SER B 160 16.84 3.75 -19.51
N GLN B 161 16.92 4.86 -18.78
CA GLN B 161 16.08 5.12 -17.64
C GLN B 161 15.54 6.53 -17.77
N GLU B 162 14.31 6.75 -17.29
CA GLU B 162 13.70 8.05 -17.44
C GLU B 162 13.03 8.45 -16.14
N SER B 163 12.79 9.76 -16.02
CA SER B 163 12.26 10.35 -14.81
C SER B 163 11.46 11.59 -15.19
N VAL B 164 10.43 11.91 -14.41
CA VAL B 164 9.46 12.96 -14.73
C VAL B 164 9.28 13.86 -13.52
N THR B 165 9.22 15.17 -13.75
CA THR B 165 8.97 16.11 -12.67
C THR B 165 7.50 16.09 -12.25
N GLU B 166 7.22 16.66 -11.08
CA GLU B 166 5.84 16.88 -10.68
C GLU B 166 5.26 18.04 -11.50
N GLN B 167 3.94 18.03 -11.64
CA GLN B 167 3.26 19.05 -12.42
C GLN B 167 3.63 20.44 -11.92
N ASP B 168 4.12 21.29 -12.82
CA ASP B 168 4.67 22.58 -12.42
C ASP B 168 3.61 23.48 -11.82
N SER B 169 3.98 24.18 -10.74
CA SER B 169 3.04 25.03 -10.01
C SER B 169 2.55 26.22 -10.82
N LYS B 170 3.30 26.65 -11.84
CA LYS B 170 2.98 27.85 -12.58
C LYS B 170 2.23 27.59 -13.88
N ASP B 171 2.70 26.63 -14.69
CA ASP B 171 2.09 26.37 -15.98
C ASP B 171 1.48 24.96 -16.10
N SER B 172 1.50 24.18 -15.02
CA SER B 172 0.83 22.87 -14.96
C SER B 172 1.35 21.89 -16.01
N THR B 173 2.62 21.99 -16.37
CA THR B 173 3.24 21.08 -17.33
C THR B 173 4.19 20.13 -16.61
N TYR B 174 4.61 19.11 -17.36
CA TYR B 174 5.58 18.13 -16.90
C TYR B 174 6.84 18.23 -17.74
N SER B 175 7.94 17.72 -17.20
CA SER B 175 9.18 17.58 -17.93
C SER B 175 9.74 16.18 -17.71
N LEU B 176 10.42 15.66 -18.72
CA LEU B 176 10.92 14.30 -18.71
C LEU B 176 12.40 14.31 -19.09
N SER B 177 13.17 13.47 -18.42
CA SER B 177 14.59 13.30 -18.69
C SER B 177 14.85 11.82 -18.92
N SER B 178 15.38 11.47 -20.09
CA SER B 178 15.76 10.10 -20.38
C SER B 178 17.27 10.02 -20.61
N THR B 179 17.89 9.01 -20.02
CA THR B 179 19.33 8.80 -20.15
C THR B 179 19.57 7.44 -20.81
N LEU B 180 20.35 7.44 -21.88
CA LEU B 180 20.78 6.21 -22.55
C LEU B 180 22.24 5.97 -22.21
N THR B 181 22.54 4.78 -21.69
CA THR B 181 23.87 4.49 -21.16
C THR B 181 24.54 3.37 -21.95
N LEU B 182 25.78 3.62 -22.36
CA LEU B 182 26.57 2.64 -23.09
C LEU B 182 28.01 2.73 -22.61
N SER B 183 28.74 1.64 -22.82
CA SER B 183 30.18 1.68 -22.61
C SER B 183 30.81 2.59 -23.66
N LYS B 184 31.95 3.18 -23.31
CA LYS B 184 32.67 4.00 -24.27
C LYS B 184 32.96 3.22 -25.54
N ALA B 185 33.26 1.92 -25.38
CA ALA B 185 33.54 1.07 -26.54
C ALA B 185 32.30 0.92 -27.42
N ASP B 186 31.16 0.59 -26.82
CA ASP B 186 29.93 0.50 -27.61
CA ASP B 186 29.92 0.49 -27.60
C ASP B 186 29.57 1.84 -28.24
N TYR B 187 29.77 2.93 -27.49
CA TYR B 187 29.41 4.25 -28.00
C TYR B 187 30.21 4.62 -29.23
N GLU B 188 31.46 4.16 -29.34
CA GLU B 188 32.31 4.49 -30.48
C GLU B 188 32.07 3.59 -31.68
N LYS B 189 31.16 2.62 -31.57
CA LYS B 189 30.83 1.74 -32.68
C LYS B 189 29.66 2.25 -33.52
N HIS B 190 29.11 3.43 -33.20
CA HIS B 190 27.96 3.97 -33.92
C HIS B 190 28.12 5.48 -34.08
N LYS B 191 27.36 6.03 -35.04
CA LYS B 191 27.47 7.43 -35.44
C LYS B 191 26.26 8.27 -35.06
N VAL B 192 25.05 7.86 -35.45
CA VAL B 192 23.85 8.69 -35.30
C VAL B 192 23.13 8.30 -34.02
N TYR B 193 23.03 9.26 -33.10
CA TYR B 193 22.33 9.07 -31.83
C TYR B 193 21.13 9.99 -31.82
N ALA B 194 19.94 9.42 -31.58
CA ALA B 194 18.68 10.13 -31.72
C ALA B 194 17.71 9.69 -30.64
N CYS B 195 16.85 10.61 -30.21
CA CYS B 195 15.67 10.25 -29.46
C CYS B 195 14.45 10.78 -30.19
N GLU B 196 13.48 9.90 -30.42
CA GLU B 196 12.25 10.24 -31.10
C GLU B 196 11.15 10.34 -30.06
N VAL B 197 10.45 11.47 -30.05
CA VAL B 197 9.43 11.75 -29.05
C VAL B 197 8.07 11.71 -29.73
N THR B 198 7.15 10.95 -29.16
CA THR B 198 5.75 11.01 -29.57
C THR B 198 4.94 11.59 -28.41
N HIS B 199 3.97 12.43 -28.75
CA HIS B 199 3.18 13.14 -27.75
C HIS B 199 1.96 13.74 -28.43
N GLN B 200 0.89 13.89 -27.64
CA GLN B 200 -0.39 14.34 -28.17
C GLN B 200 -0.26 15.69 -28.88
N GLY B 201 0.53 16.60 -28.32
CA GLY B 201 0.72 17.91 -28.92
C GLY B 201 1.56 17.93 -30.18
N LEU B 202 2.13 16.80 -30.60
CA LEU B 202 2.94 16.72 -31.81
C LEU B 202 2.11 16.04 -32.91
N SER B 203 1.95 16.73 -34.04
CA SER B 203 1.25 16.13 -35.18
C SER B 203 1.94 14.85 -35.62
N SER B 204 3.26 14.83 -35.58
CA SER B 204 4.07 13.67 -35.93
C SER B 204 5.26 13.64 -34.97
N PRO B 205 5.91 12.49 -34.83
CA PRO B 205 7.02 12.40 -33.87
C PRO B 205 8.17 13.33 -34.22
N VAL B 206 8.80 13.88 -33.19
CA VAL B 206 9.93 14.78 -33.34
C VAL B 206 11.20 14.05 -32.92
N THR B 207 12.22 14.11 -33.76
CA THR B 207 13.49 13.45 -33.51
C THR B 207 14.59 14.49 -33.39
N LYS B 208 15.35 14.44 -32.30
CA LYS B 208 16.55 15.24 -32.14
C LYS B 208 17.75 14.29 -32.10
N SER B 209 18.78 14.60 -32.89
CA SER B 209 19.90 13.69 -33.03
C SER B 209 21.21 14.47 -33.13
N PHE B 210 22.31 13.75 -32.95
CA PHE B 210 23.64 14.25 -33.27
C PHE B 210 24.46 13.11 -33.86
N ASN B 211 25.51 13.47 -34.58
CA ASN B 211 26.48 12.50 -35.07
C ASN B 211 27.67 12.53 -34.13
N ARG B 212 28.04 11.37 -33.58
CA ARG B 212 29.21 11.29 -32.72
C ARG B 212 30.44 11.83 -33.44
N GLY B 213 31.19 12.69 -32.75
CA GLY B 213 32.41 13.25 -33.27
C GLY B 213 32.23 14.55 -34.03
N GLU B 214 31.01 14.93 -34.37
CA GLU B 214 30.73 16.15 -35.11
C GLU B 214 30.11 17.18 -34.17
N CYS B 215 30.68 18.37 -34.14
CA CYS B 215 30.20 19.44 -33.27
C CYS B 215 29.02 20.17 -33.90
N ASN C 16 -34.28 -43.62 24.12
CA ASN C 16 -34.45 -42.28 23.55
C ASN C 16 -33.18 -41.76 22.86
N LEU C 17 -33.36 -41.19 21.67
CA LEU C 17 -32.26 -40.64 20.89
C LEU C 17 -31.82 -39.30 21.46
N CYS C 18 -30.66 -38.83 20.99
CA CYS C 18 -30.16 -37.55 21.46
C CYS C 18 -30.79 -36.42 20.64
N PRO C 19 -30.97 -35.26 21.21
CA PRO C 19 -31.67 -34.20 20.48
C PRO C 19 -30.80 -33.51 19.43
N PHE C 20 -30.06 -34.27 18.61
CA PHE C 20 -29.17 -33.62 17.66
C PHE C 20 -29.94 -32.82 16.62
N GLY C 21 -31.11 -33.32 16.21
CA GLY C 21 -31.94 -32.56 15.29
C GLY C 21 -32.32 -31.21 15.86
N GLU C 22 -32.52 -31.16 17.18
CA GLU C 22 -32.85 -29.90 17.85
C GLU C 22 -31.70 -28.89 17.74
N VAL C 23 -30.47 -29.36 17.56
CA VAL C 23 -29.31 -28.50 17.44
C VAL C 23 -28.96 -28.24 15.99
N PHE C 24 -28.82 -29.30 15.20
CA PHE C 24 -28.39 -29.14 13.81
C PHE C 24 -29.48 -28.47 12.96
N ASN C 25 -30.74 -28.87 13.16
CA ASN C 25 -31.84 -28.35 12.37
C ASN C 25 -32.59 -27.23 13.09
N ALA C 26 -31.95 -26.55 14.04
CA ALA C 26 -32.60 -25.45 14.75
C ALA C 26 -32.98 -24.35 13.76
N THR C 27 -34.14 -23.72 14.01
CA THR C 27 -34.66 -22.71 13.09
C THR C 27 -33.68 -21.56 12.94
N ARG C 28 -33.26 -20.96 14.06
CA ARG C 28 -32.26 -19.90 14.03
C ARG C 28 -31.07 -20.30 14.90
N PHE C 29 -29.90 -19.84 14.50
CA PHE C 29 -28.69 -20.03 15.28
C PHE C 29 -28.35 -18.75 16.02
N ALA C 30 -27.43 -18.87 16.98
CA ALA C 30 -26.98 -17.72 17.74
C ALA C 30 -25.81 -17.03 17.04
N SER C 31 -25.63 -15.74 17.36
CA SER C 31 -24.40 -15.05 16.98
C SER C 31 -23.21 -15.72 17.66
N VAL C 32 -22.06 -15.70 16.98
CA VAL C 32 -20.89 -16.41 17.48
C VAL C 32 -20.45 -15.88 18.85
N TYR C 33 -20.60 -14.56 19.06
CA TYR C 33 -20.16 -14.00 20.33
C TYR C 33 -21.05 -14.48 21.46
N ALA C 34 -22.33 -14.73 21.17
CA ALA C 34 -23.27 -15.22 22.17
C ALA C 34 -23.62 -16.67 21.87
N TRP C 35 -22.60 -17.47 21.57
CA TRP C 35 -22.79 -18.84 21.14
C TRP C 35 -23.62 -19.63 22.15
N ASN C 36 -24.43 -20.55 21.63
CA ASN C 36 -25.27 -21.40 22.46
C ASN C 36 -24.54 -22.70 22.81
N ARG C 37 -24.91 -23.25 23.95
CA ARG C 37 -24.36 -24.53 24.41
C ARG C 37 -25.53 -25.40 24.86
N LYS C 38 -25.65 -26.57 24.23
CA LYS C 38 -26.67 -27.55 24.58
C LYS C 38 -26.00 -28.69 25.34
N ARG C 39 -26.44 -28.93 26.58
CA ARG C 39 -25.92 -30.03 27.37
C ARG C 39 -26.64 -31.31 26.99
N ILE C 40 -25.87 -32.33 26.61
CA ILE C 40 -26.41 -33.57 26.06
C ILE C 40 -25.96 -34.72 26.94
N SER C 41 -26.92 -35.33 27.65
CA SER C 41 -26.63 -36.39 28.59
C SER C 41 -27.72 -37.45 28.50
N ASN C 42 -27.35 -38.69 28.84
CA ASN C 42 -28.28 -39.80 29.01
C ASN C 42 -29.07 -40.09 27.74
N CYS C 43 -28.34 -40.46 26.68
CA CYS C 43 -28.95 -40.81 25.41
C CYS C 43 -27.93 -41.53 24.54
N VAL C 44 -28.44 -42.36 23.64
CA VAL C 44 -27.63 -43.02 22.62
C VAL C 44 -27.60 -42.14 21.38
N ALA C 45 -26.42 -42.01 20.78
CA ALA C 45 -26.24 -41.19 19.59
C ALA C 45 -25.63 -42.02 18.47
N ASP C 46 -26.05 -41.72 17.24
CA ASP C 46 -25.56 -42.39 16.04
C ASP C 46 -24.75 -41.37 15.23
N TYR C 47 -23.48 -41.24 15.58
CA TYR C 47 -22.60 -40.32 14.87
C TYR C 47 -22.26 -40.80 13.46
N SER C 48 -22.59 -42.06 13.12
CA SER C 48 -22.40 -42.51 11.75
C SER C 48 -23.43 -41.86 10.83
N VAL C 49 -24.65 -41.64 11.33
CA VAL C 49 -25.65 -40.92 10.56
C VAL C 49 -25.22 -39.47 10.34
N LEU C 50 -24.42 -38.92 11.27
CA LEU C 50 -23.95 -37.55 11.12
C LEU C 50 -22.84 -37.46 10.07
N TYR C 51 -21.82 -38.31 10.17
CA TYR C 51 -20.68 -38.20 9.26
C TYR C 51 -21.10 -38.51 7.83
N ASN C 52 -21.99 -39.49 7.64
CA ASN C 52 -22.39 -39.91 6.30
C ASN C 52 -23.19 -38.84 5.56
N SER C 53 -23.83 -37.91 6.29
CA SER C 53 -24.53 -36.80 5.65
C SER C 53 -23.56 -35.94 4.87
N ALA C 54 -23.63 -36.02 3.54
CA ALA C 54 -22.75 -35.26 2.64
C ALA C 54 -23.09 -33.77 2.59
N SER C 55 -24.01 -33.32 3.44
CA SER C 55 -24.48 -31.94 3.46
C SER C 55 -23.64 -31.04 4.37
N PHE C 56 -22.43 -31.46 4.72
CA PHE C 56 -21.55 -30.69 5.59
C PHE C 56 -20.31 -30.25 4.83
N SER C 57 -19.97 -28.97 4.93
CA SER C 57 -18.75 -28.48 4.31
C SER C 57 -17.52 -28.89 5.11
N THR C 58 -17.62 -28.84 6.43
CA THR C 58 -16.52 -29.13 7.34
C THR C 58 -16.95 -30.20 8.31
N PHE C 59 -16.14 -31.25 8.45
CA PHE C 59 -16.41 -32.30 9.44
C PHE C 59 -15.05 -32.84 9.90
N LYS C 60 -14.39 -32.05 10.76
CA LYS C 60 -13.05 -32.35 11.23
C LYS C 60 -13.07 -32.71 12.70
N CYS C 61 -12.54 -33.88 13.04
CA CYS C 61 -12.51 -34.36 14.41
C CYS C 61 -11.10 -34.36 14.95
N TYR C 62 -10.95 -33.98 16.21
CA TYR C 62 -9.66 -33.88 16.87
C TYR C 62 -9.61 -34.84 18.04
N GLY C 63 -8.60 -35.70 18.06
CA GLY C 63 -8.44 -36.68 19.12
C GLY C 63 -9.32 -37.91 19.00
N VAL C 64 -10.24 -37.94 18.04
CA VAL C 64 -11.10 -39.09 17.81
C VAL C 64 -11.19 -39.33 16.31
N SER C 65 -11.23 -40.60 15.92
CA SER C 65 -11.53 -40.93 14.54
C SER C 65 -13.02 -40.69 14.28
N PRO C 66 -13.39 -40.12 13.13
CA PRO C 66 -14.80 -39.78 12.90
C PRO C 66 -15.70 -41.00 12.85
N THR C 67 -15.35 -41.99 12.04
CA THR C 67 -16.22 -43.15 11.84
C THR C 67 -16.27 -44.03 13.09
N LYS C 68 -15.11 -44.32 13.68
CA LYS C 68 -15.02 -45.20 14.85
C LYS C 68 -15.34 -44.44 16.13
N LEU C 69 -16.54 -43.86 16.16
CA LEU C 69 -17.00 -43.05 17.27
C LEU C 69 -18.26 -43.59 17.94
N ASN C 70 -19.07 -44.38 17.21
CA ASN C 70 -20.36 -44.82 17.74
C ASN C 70 -20.21 -45.65 19.01
N ASP C 71 -19.17 -46.49 19.08
CA ASP C 71 -18.99 -47.40 20.20
C ASP C 71 -18.00 -46.79 21.20
N LEU C 72 -18.48 -45.77 21.91
CA LEU C 72 -17.72 -45.10 22.96
C LEU C 72 -18.66 -44.71 24.09
N CYS C 73 -18.10 -44.11 25.15
CA CYS C 73 -18.88 -43.78 26.34
C CYS C 73 -18.24 -42.56 27.00
N PHE C 74 -18.87 -41.40 26.86
CA PHE C 74 -18.41 -40.17 27.46
C PHE C 74 -19.45 -39.67 28.46
N THR C 75 -18.96 -39.06 29.55
CA THR C 75 -19.85 -38.62 30.62
C THR C 75 -20.83 -37.56 30.13
N ASN C 76 -20.29 -36.46 29.59
CA ASN C 76 -21.12 -35.37 29.08
C ASN C 76 -20.63 -34.99 27.69
N VAL C 77 -21.60 -34.70 26.82
CA VAL C 77 -21.34 -34.18 25.48
C VAL C 77 -21.95 -32.80 25.40
N TYR C 78 -21.17 -31.86 24.88
CA TYR C 78 -21.62 -30.48 24.70
C TYR C 78 -21.76 -30.20 23.20
N ALA C 79 -22.88 -29.61 22.82
CA ALA C 79 -23.10 -29.18 21.44
C ALA C 79 -23.19 -27.66 21.45
N ASP C 80 -22.10 -27.01 21.04
CA ASP C 80 -22.12 -25.56 20.85
C ASP C 80 -22.43 -25.25 19.41
N SER C 81 -23.16 -24.15 19.17
CA SER C 81 -23.53 -23.80 17.81
C SER C 81 -23.67 -22.29 17.68
N PHE C 82 -23.32 -21.79 16.49
CA PHE C 82 -23.31 -20.37 16.17
C PHE C 82 -23.17 -20.23 14.66
N VAL C 83 -23.15 -18.97 14.19
CA VAL C 83 -22.94 -18.64 12.78
C VAL C 83 -21.71 -17.77 12.66
N ILE C 84 -20.89 -18.04 11.62
CA ILE C 84 -19.73 -17.23 11.26
C ILE C 84 -19.65 -17.16 9.73
N ARG C 85 -18.68 -16.39 9.24
CA ARG C 85 -18.37 -16.29 7.81
C ARG C 85 -17.71 -17.57 7.31
N GLY C 86 -17.73 -17.73 5.99
CA GLY C 86 -16.96 -18.82 5.39
C GLY C 86 -15.48 -18.75 5.76
N ASP C 87 -14.85 -17.60 5.52
CA ASP C 87 -13.43 -17.43 5.76
C ASP C 87 -13.04 -17.54 7.23
N GLU C 88 -14.01 -17.61 8.15
CA GLU C 88 -13.72 -17.71 9.56
C GLU C 88 -13.86 -19.13 10.10
N VAL C 89 -14.35 -20.06 9.29
CA VAL C 89 -14.53 -21.45 9.75
C VAL C 89 -13.21 -22.07 10.13
N ARG C 90 -12.13 -21.74 9.42
CA ARG C 90 -10.81 -22.29 9.76
C ARG C 90 -10.38 -21.91 11.17
N GLN C 91 -10.97 -20.88 11.76
CA GLN C 91 -10.59 -20.47 13.11
C GLN C 91 -11.24 -21.31 14.19
N ILE C 92 -12.21 -22.17 13.84
CA ILE C 92 -12.83 -23.04 14.84
C ILE C 92 -12.03 -24.33 14.92
N ALA C 93 -10.83 -24.24 15.48
CA ALA C 93 -9.92 -25.38 15.59
C ALA C 93 -8.93 -25.08 16.70
N PRO C 94 -8.32 -26.10 17.30
CA PRO C 94 -7.35 -25.87 18.37
C PRO C 94 -6.16 -25.05 17.87
N GLY C 95 -5.68 -24.15 18.74
CA GLY C 95 -4.46 -23.41 18.44
C GLY C 95 -4.56 -22.44 17.29
N GLN C 96 -5.72 -21.80 17.13
CA GLN C 96 -5.93 -20.83 16.07
C GLN C 96 -5.96 -19.42 16.66
N THR C 97 -5.61 -18.44 15.83
CA THR C 97 -5.64 -17.04 16.21
C THR C 97 -6.49 -16.27 15.21
N GLY C 98 -7.03 -15.15 15.67
CA GLY C 98 -7.87 -14.33 14.83
C GLY C 98 -9.05 -13.75 15.58
N LYS C 99 -9.83 -12.92 14.89
CA LYS C 99 -11.00 -12.27 15.49
C LYS C 99 -11.89 -13.28 16.20
N ILE C 100 -12.30 -14.32 15.47
CA ILE C 100 -13.26 -15.28 16.03
C ILE C 100 -12.64 -16.06 17.18
N ALA C 101 -11.43 -16.59 16.97
CA ALA C 101 -10.81 -17.44 17.98
C ALA C 101 -10.36 -16.65 19.20
N ASP C 102 -9.95 -15.40 19.01
CA ASP C 102 -9.45 -14.61 20.13
C ASP C 102 -10.59 -14.00 20.92
N TYR C 103 -11.65 -13.57 20.25
CA TYR C 103 -12.62 -12.68 20.86
C TYR C 103 -14.05 -13.20 20.86
N ASN C 104 -14.31 -14.38 20.28
CA ASN C 104 -15.69 -14.84 20.12
C ASN C 104 -15.89 -16.28 20.61
N TYR C 105 -15.18 -17.25 20.00
CA TYR C 105 -15.27 -18.64 20.39
C TYR C 105 -13.90 -19.26 20.33
N LYS C 106 -13.39 -19.74 21.47
CA LYS C 106 -12.04 -20.26 21.57
C LYS C 106 -12.11 -21.75 21.91
N LEU C 107 -11.45 -22.57 21.10
CA LEU C 107 -11.27 -23.97 21.42
C LEU C 107 -9.95 -24.19 22.15
N PRO C 108 -9.90 -25.16 23.06
CA PRO C 108 -8.64 -25.45 23.75
C PRO C 108 -7.62 -26.11 22.83
N ASP C 109 -6.35 -26.01 23.24
CA ASP C 109 -5.29 -26.64 22.44
C ASP C 109 -5.38 -28.16 22.50
N ASP C 110 -5.76 -28.71 23.65
CA ASP C 110 -5.95 -30.15 23.81
C ASP C 110 -7.38 -30.57 23.56
N PHE C 111 -8.01 -29.98 22.55
CA PHE C 111 -9.42 -30.23 22.29
C PHE C 111 -9.63 -31.66 21.82
N THR C 112 -10.62 -32.33 22.40
CA THR C 112 -11.08 -33.62 21.92
C THR C 112 -12.54 -33.47 21.54
N GLY C 113 -12.85 -33.66 20.26
CA GLY C 113 -14.19 -33.44 19.76
C GLY C 113 -14.17 -33.20 18.26
N CYS C 114 -15.31 -32.75 17.75
CA CYS C 114 -15.48 -32.52 16.32
C CYS C 114 -16.07 -31.14 16.06
N VAL C 115 -15.69 -30.58 14.91
CA VAL C 115 -16.21 -29.31 14.42
C VAL C 115 -16.95 -29.59 13.12
N ILE C 116 -18.23 -29.25 13.08
CA ILE C 116 -19.09 -29.51 11.93
C ILE C 116 -19.64 -28.18 11.44
N ALA C 117 -19.62 -27.99 10.12
CA ALA C 117 -20.08 -26.73 9.55
C ALA C 117 -20.68 -26.98 8.17
N TRP C 118 -21.57 -26.07 7.78
CA TRP C 118 -22.19 -26.13 6.46
C TRP C 118 -22.66 -24.74 6.08
N ASN C 119 -22.69 -24.48 4.77
CA ASN C 119 -23.14 -23.18 4.28
C ASN C 119 -24.63 -23.02 4.53
N SER C 120 -25.01 -21.87 5.08
CA SER C 120 -26.40 -21.56 5.38
C SER C 120 -26.84 -20.26 4.72
N ASN C 121 -26.39 -20.02 3.48
CA ASN C 121 -26.69 -18.76 2.81
C ASN C 121 -28.19 -18.61 2.57
N ASN C 122 -28.88 -19.71 2.29
CA ASN C 122 -30.31 -19.63 1.98
C ASN C 122 -31.20 -19.63 3.22
N LEU C 123 -30.60 -19.65 4.42
CA LEU C 123 -31.36 -19.53 5.66
C LEU C 123 -31.03 -18.27 6.45
N ASP C 124 -29.79 -17.81 6.39
CA ASP C 124 -29.32 -16.76 7.29
C ASP C 124 -28.96 -15.45 6.58
N SER C 125 -29.03 -15.40 5.26
CA SER C 125 -28.78 -14.17 4.52
C SER C 125 -30.08 -13.66 3.94
N LYS C 126 -30.30 -12.35 4.03
CA LYS C 126 -31.49 -11.71 3.53
C LYS C 126 -31.09 -10.54 2.63
N VAL C 127 -31.92 -10.28 1.61
CA VAL C 127 -31.66 -9.17 0.72
C VAL C 127 -31.67 -7.88 1.53
N GLY C 128 -30.70 -7.00 1.27
CA GLY C 128 -30.50 -5.84 2.11
C GLY C 128 -29.69 -6.10 3.36
N GLY C 129 -29.24 -7.34 3.58
CA GLY C 129 -28.44 -7.63 4.75
C GLY C 129 -29.20 -8.13 5.95
N ASN C 130 -28.79 -9.28 6.48
CA ASN C 130 -29.34 -9.81 7.74
C ASN C 130 -28.46 -9.31 8.87
N TYR C 131 -28.96 -8.36 9.64
CA TYR C 131 -28.18 -7.75 10.69
C TYR C 131 -28.37 -8.41 12.05
N ASN C 132 -28.99 -9.59 12.09
CA ASN C 132 -29.19 -10.28 13.36
C ASN C 132 -27.92 -10.95 13.86
N TYR C 133 -27.06 -11.44 12.97
CA TYR C 133 -25.85 -12.13 13.37
C TYR C 133 -24.70 -11.14 13.56
N LEU C 134 -24.05 -11.21 14.72
CA LEU C 134 -22.99 -10.29 15.08
C LEU C 134 -21.75 -11.06 15.52
N TYR C 135 -20.66 -10.32 15.67
CA TYR C 135 -19.40 -10.84 16.18
C TYR C 135 -18.72 -9.73 16.96
N ARG C 136 -17.94 -10.10 17.96
CA ARG C 136 -17.20 -9.10 18.72
C ARG C 136 -15.96 -8.68 17.94
N LEU C 137 -15.82 -7.37 17.73
CA LEU C 137 -14.65 -6.84 17.06
C LEU C 137 -13.57 -6.40 18.03
N PHE C 138 -13.96 -5.91 19.21
CA PHE C 138 -13.02 -5.32 20.17
C PHE C 138 -13.09 -6.07 21.49
N ARG C 139 -11.92 -6.45 22.00
CA ARG C 139 -11.77 -7.02 23.33
C ARG C 139 -10.32 -6.85 23.76
N LYS C 140 -10.11 -6.44 25.02
CA LYS C 140 -8.75 -6.15 25.47
C LYS C 140 -7.89 -7.41 25.46
N SER C 141 -8.41 -8.52 25.98
CA SER C 141 -7.66 -9.77 26.10
C SER C 141 -8.39 -10.88 25.35
N ASN C 142 -7.66 -11.97 25.10
CA ASN C 142 -8.24 -13.12 24.40
C ASN C 142 -9.18 -13.89 25.32
N LEU C 143 -10.15 -14.57 24.70
CA LEU C 143 -11.02 -15.46 25.46
C LEU C 143 -10.25 -16.69 25.91
N LYS C 144 -10.56 -17.17 27.11
CA LYS C 144 -10.13 -18.49 27.51
C LYS C 144 -10.98 -19.54 26.79
N PRO C 145 -10.49 -20.76 26.63
CA PRO C 145 -11.28 -21.79 25.95
C PRO C 145 -12.68 -21.91 26.54
N PHE C 146 -13.67 -21.99 25.64
CA PHE C 146 -15.07 -22.16 26.03
C PHE C 146 -15.56 -21.02 26.92
N GLU C 147 -15.03 -19.81 26.73
CA GLU C 147 -15.53 -18.63 27.40
C GLU C 147 -16.54 -17.92 26.50
N ARG C 148 -17.56 -17.32 27.11
CA ARG C 148 -18.61 -16.60 26.40
CA ARG C 148 -18.60 -16.59 26.39
C ARG C 148 -18.73 -15.21 26.99
N ASP C 149 -18.42 -14.18 26.20
CA ASP C 149 -18.51 -12.78 26.59
C ASP C 149 -19.67 -12.15 25.83
N ILE C 150 -20.69 -11.68 26.55
CA ILE C 150 -21.85 -11.08 25.95
C ILE C 150 -22.02 -9.61 26.32
N SER C 151 -20.99 -8.99 26.89
CA SER C 151 -21.08 -7.59 27.27
C SER C 151 -21.07 -6.68 26.04
N THR C 152 -21.70 -5.52 26.18
CA THR C 152 -21.79 -4.54 25.10
C THR C 152 -21.33 -3.16 25.57
N GLU C 153 -20.38 -3.12 26.50
CA GLU C 153 -19.87 -1.85 26.96
C GLU C 153 -19.01 -1.21 25.87
N ILE C 154 -19.03 0.12 25.84
CA ILE C 154 -18.22 0.85 24.87
C ILE C 154 -16.74 0.56 25.13
N TYR C 155 -16.04 0.11 24.10
CA TYR C 155 -14.64 -0.28 24.22
C TYR C 155 -13.76 0.96 24.23
N GLN C 156 -12.96 1.10 25.29
CA GLN C 156 -12.08 2.24 25.47
C GLN C 156 -10.72 1.93 24.86
N ALA C 157 -10.30 2.73 23.88
CA ALA C 157 -9.07 2.49 23.14
C ALA C 157 -7.99 3.52 23.44
N GLY C 158 -8.23 4.41 24.38
CA GLY C 158 -7.25 5.40 24.78
C GLY C 158 -7.26 5.68 26.27
N SER C 159 -6.65 6.80 26.66
CA SER C 159 -6.56 7.11 28.09
C SER C 159 -7.89 7.61 28.64
N THR C 160 -8.63 8.36 27.84
CA THR C 160 -9.86 8.98 28.35
C THR C 160 -10.98 7.96 28.35
N PRO C 161 -11.71 7.82 29.45
CA PRO C 161 -12.79 6.83 29.50
C PRO C 161 -14.00 7.28 28.68
N CYS C 162 -14.82 6.30 28.31
CA CYS C 162 -15.86 6.53 27.33
C CYS C 162 -17.19 6.94 27.95
N ASN C 163 -17.50 6.41 29.12
CA ASN C 163 -18.77 6.71 29.80
C ASN C 163 -19.95 6.45 28.87
N GLY C 164 -19.88 5.35 28.12
CA GLY C 164 -21.00 4.91 27.31
C GLY C 164 -21.30 5.77 26.11
N VAL C 165 -20.37 6.60 25.66
CA VAL C 165 -20.56 7.46 24.51
C VAL C 165 -19.61 7.00 23.41
N GLU C 166 -20.17 6.44 22.34
CA GLU C 166 -19.34 6.09 21.19
C GLU C 166 -18.69 7.33 20.61
N GLY C 167 -17.47 7.17 20.11
CA GLY C 167 -16.76 8.28 19.51
C GLY C 167 -15.33 7.89 19.22
N PHE C 168 -14.48 8.90 19.08
CA PHE C 168 -13.06 8.67 18.92
C PHE C 168 -12.54 7.88 20.12
N ASN C 169 -11.75 6.84 19.84
CA ASN C 169 -11.19 5.95 20.86
C ASN C 169 -12.25 5.30 21.73
N CYS C 170 -13.50 5.26 21.26
CA CYS C 170 -14.63 4.74 22.04
C CYS C 170 -15.56 4.00 21.09
N TYR C 171 -15.39 2.69 21.02
CA TYR C 171 -15.95 1.88 19.95
C TYR C 171 -16.97 0.89 20.50
N PHE C 172 -18.08 0.78 19.79
CA PHE C 172 -19.04 -0.29 20.11
C PHE C 172 -18.40 -1.63 19.76
N PRO C 173 -18.40 -2.60 20.69
CA PRO C 173 -17.59 -3.81 20.49
C PRO C 173 -18.14 -4.82 19.49
N LEU C 174 -19.44 -4.82 19.21
CA LEU C 174 -20.03 -5.80 18.31
C LEU C 174 -20.29 -5.18 16.95
N GLN C 175 -20.13 -5.98 15.89
CA GLN C 175 -20.41 -5.57 14.52
C GLN C 175 -21.21 -6.67 13.84
N SER C 176 -21.96 -6.29 12.82
CA SER C 176 -22.83 -7.25 12.14
C SER C 176 -22.15 -7.82 10.91
N TYR C 177 -22.46 -9.08 10.60
CA TYR C 177 -21.98 -9.68 9.38
C TYR C 177 -22.74 -9.20 8.15
N GLY C 178 -23.96 -8.68 8.34
CA GLY C 178 -24.80 -8.22 7.26
C GLY C 178 -25.02 -9.20 6.12
N PHE C 179 -25.14 -10.49 6.44
CA PHE C 179 -25.20 -11.55 5.43
C PHE C 179 -26.21 -11.26 4.33
N GLN C 180 -25.73 -11.23 3.09
CA GLN C 180 -26.55 -11.04 1.90
C GLN C 180 -26.37 -12.21 0.95
N PRO C 181 -27.43 -12.63 0.25
CA PRO C 181 -27.32 -13.84 -0.59
C PRO C 181 -26.30 -13.70 -1.71
N THR C 182 -26.01 -12.48 -2.16
CA THR C 182 -25.06 -12.24 -3.25
C THR C 182 -23.63 -12.05 -2.77
N TYR C 183 -23.38 -12.27 -1.48
CA TYR C 183 -22.02 -12.23 -0.95
C TYR C 183 -21.13 -13.24 -1.68
N GLY C 184 -19.83 -13.02 -1.58
CA GLY C 184 -18.88 -14.08 -1.91
C GLY C 184 -18.88 -15.15 -0.84
N VAL C 185 -18.47 -16.36 -1.23
CA VAL C 185 -18.56 -17.52 -0.33
C VAL C 185 -17.85 -17.23 0.99
N GLY C 186 -16.70 -16.57 0.94
CA GLY C 186 -15.97 -16.26 2.16
C GLY C 186 -16.70 -15.35 3.12
N TYR C 187 -17.65 -14.56 2.63
CA TYR C 187 -18.44 -13.68 3.47
C TYR C 187 -19.83 -14.22 3.78
N GLN C 188 -20.22 -15.34 3.17
CA GLN C 188 -21.54 -15.93 3.38
C GLN C 188 -21.65 -16.58 4.76
N PRO C 189 -22.86 -16.80 5.24
CA PRO C 189 -23.01 -17.40 6.58
C PRO C 189 -22.82 -18.90 6.56
N TYR C 190 -22.07 -19.38 7.55
CA TYR C 190 -21.92 -20.81 7.78
C TYR C 190 -22.40 -21.12 9.19
N ARG C 191 -23.22 -22.15 9.31
CA ARG C 191 -23.65 -22.65 10.61
C ARG C 191 -22.65 -23.68 11.11
N VAL C 192 -22.30 -23.58 12.39
CA VAL C 192 -21.26 -24.41 12.98
C VAL C 192 -21.82 -25.12 14.20
N VAL C 193 -21.45 -26.39 14.35
CA VAL C 193 -21.77 -27.17 15.54
C VAL C 193 -20.48 -27.78 16.06
N VAL C 194 -20.13 -27.47 17.30
CA VAL C 194 -18.92 -27.97 17.93
C VAL C 194 -19.33 -29.00 18.99
N LEU C 195 -18.94 -30.25 18.77
CA LEU C 195 -19.22 -31.34 19.71
C LEU C 195 -17.94 -31.64 20.48
N SER C 196 -17.94 -31.34 21.77
CA SER C 196 -16.84 -31.70 22.65
C SER C 196 -17.27 -32.83 23.57
N PHE C 197 -16.35 -33.74 23.85
CA PHE C 197 -16.63 -34.94 24.64
C PHE C 197 -15.83 -34.88 25.92
N GLU C 198 -16.54 -34.97 27.05
CA GLU C 198 -15.93 -34.83 28.36
C GLU C 198 -15.37 -36.15 28.86
C1 NAG D . -32.31 -32.54 9.75
C2 NAG D . -32.07 -33.95 10.32
C3 NAG D . -31.82 -34.96 9.19
C4 NAG D . -32.93 -34.89 8.14
C5 NAG D . -33.08 -33.46 7.65
C6 NAG D . -34.22 -33.26 6.68
C7 NAG D . -30.97 -34.60 12.42
C8 NAG D . -29.74 -34.50 13.25
N2 NAG D . -30.96 -33.96 11.25
O3 NAG D . -31.74 -36.27 9.73
O4 NAG D . -32.59 -35.76 7.07
O5 NAG D . -33.34 -32.59 8.76
O6 NAG D . -35.44 -33.05 7.37
O7 NAG D . -31.97 -35.23 12.80
C1 NAG D . -33.70 -36.62 6.66
C2 NAG D . -33.62 -36.83 5.14
C3 NAG D . -34.76 -37.73 4.68
C4 NAG D . -34.76 -39.03 5.47
C5 NAG D . -34.78 -38.76 6.96
C6 NAG D . -34.65 -40.01 7.80
C7 NAG D . -32.53 -34.90 4.09
C8 NAG D . -32.74 -33.60 3.36
N2 NAG D . -33.64 -35.57 4.43
O3 NAG D . -34.64 -38.00 3.29
O4 NAG D . -35.89 -39.82 5.11
O5 NAG D . -33.69 -37.91 7.33
O6 NAG D . -35.09 -39.81 9.14
O7 NAG D . -31.41 -35.32 4.35
C1 FUC D . -36.55 -33.55 6.62
C2 FUC D . -37.40 -34.41 7.56
C3 FUC D . -37.85 -33.54 8.75
C4 FUC D . -38.63 -32.29 8.24
C5 FUC D . -37.84 -31.57 7.11
C6 FUC D . -38.66 -30.51 6.36
O2 FUC D . -36.71 -35.57 8.01
O3 FUC D . -38.69 -34.29 9.62
O4 FUC D . -39.92 -32.67 7.77
O5 FUC D . -37.32 -32.49 6.11
C1 GOL E . 17.79 11.30 -16.25
O1 GOL E . 16.87 10.26 -16.47
C2 GOL E . 18.03 11.38 -14.72
O2 GOL E . 17.98 10.15 -14.13
C3 GOL E . 16.91 12.28 -14.22
O3 GOL E . 17.07 12.36 -12.83
S SO4 F . 0.50 -6.99 26.74
O1 SO4 F . -0.22 -8.18 26.34
O2 SO4 F . -0.50 -5.96 26.99
O3 SO4 F . 1.26 -7.39 27.90
O4 SO4 F . 1.45 -6.45 25.77
C1 GOL G . -11.70 7.82 13.66
O1 GOL G . -11.38 9.19 13.55
C2 GOL G . -13.26 7.66 13.75
O2 GOL G . -13.97 8.75 13.24
C3 GOL G . -13.55 7.41 15.26
O3 GOL G . -14.87 6.95 15.32
C1 GOL H . 10.55 22.05 -11.27
O1 GOL H . 11.19 20.84 -11.15
C2 GOL H . 9.17 21.73 -11.85
O2 GOL H . 8.43 22.88 -12.06
C3 GOL H . 8.52 20.80 -10.79
O3 GOL H . 7.35 21.41 -10.39
C1 GOL I . -6.91 -12.89 2.66
O1 GOL I . -5.83 -13.28 3.45
C2 GOL I . -8.14 -12.69 3.59
O2 GOL I . -9.23 -12.20 2.89
C3 GOL I . -8.43 -14.09 4.25
O3 GOL I . -9.49 -13.94 5.14
S SO4 J . 34.43 7.84 -36.90
O1 SO4 J . 33.67 6.68 -37.34
O2 SO4 J . 33.52 8.96 -36.63
O3 SO4 J . 35.15 7.55 -35.66
O4 SO4 J . 35.38 8.18 -37.95
C1 GOL K . -17.59 1.70 13.47
O1 GOL K . -17.14 3.03 13.42
C2 GOL K . -18.90 1.61 12.62
O2 GOL K . -19.80 0.68 13.15
C3 GOL K . -18.45 1.25 11.17
O3 GOL K . -19.58 0.81 10.47
S SO4 L . -1.93 9.08 26.25
O1 SO4 L . -2.70 7.98 25.66
O2 SO4 L . -2.53 10.35 25.88
O3 SO4 L . -1.92 8.94 27.71
O4 SO4 L . -0.56 9.03 25.77
#